data_8ZK8
#
_entry.id   8ZK8
#
_cell.length_a   116.871
_cell.length_b   136.857
_cell.length_c   77.265
_cell.angle_alpha   90.00
_cell.angle_beta   90.00
_cell.angle_gamma   90.00
#
_symmetry.space_group_name_H-M   'P 21 21 2'
#
loop_
_entity.id
_entity.type
_entity.pdbx_description
1 polymer 'Indolepyruvate decarboxylase'
2 non-polymer 'THIAMINE DIPHOSPHATE'
3 non-polymer 'MAGNESIUM ION'
4 non-polymer '3-(1H-INDOL-3-YL)-2-OXOPROPANOIC ACID'
5 water water
#
_entity_poly.entity_id   1
_entity_poly.type   'polypeptide(L)'
_entity_poly.pdbx_seq_one_letter_code
;MGSSHHHHHHSQDPMRTPYCVADYLLDRLTDCGADHLFGVPGDYNLQFLDHVIDSPDICWVGCANELNASYAADGYARCK
GFAALLTTFGVGELSAMNGIAGSYAEHVPVLHIVGAPGTASQQRGELLHHTLGDGEFRHFYHMSEPITVAQAILTEQNAC
YEIDRVLTTMLRERRPGYLMLPADVAKKAATPPVNALTLRHAHADSACLKAFRDAAENRLAMSKRTALLADFLVLRHGLK
HALQKWVKDVPMAHATMLMGKGIFDERHVGFYGTYSGSASAGAVKEAIEGADTVLCIGTRFTDTLTAGFTHQLTPSQTIE
VQPHASRVGDVWFTGIPMLQAIETLVELCKQHVHDTPVPSSQSAMVYPQPDGSLTQDNFWKTLQTFIRPGDIILADQGTS
AFGAIDLRLPADVNFIVQPLWGSIGYTLAAAFGAQTACPNRRVIVLTGDGAAQLTIQELGSMLRDKQHPIILVLNNEGYT
VLRAIHGPEQRYNDIALWNWTQIPQALSLDPQAQCWRVSEAEQLADVLEKVAHHERLSLIEVMLPKADIPPLLGAITKAL
EARNSA
;
_entity_poly.pdbx_strand_id   A,B
#
loop_
_chem_comp.id
_chem_comp.type
_chem_comp.name
_chem_comp.formula
3IO non-polymer '3-(1H-INDOL-3-YL)-2-OXOPROPANOIC ACID' 'C11 H9 N O3'
MG non-polymer 'MAGNESIUM ION' 'Mg 2'
TPP non-polymer 'THIAMINE DIPHOSPHATE' 'C12 H19 N4 O7 P2 S 1'
#
# COMPACT_ATOMS: atom_id res chain seq x y z
N THR A 17 -29.33 14.72 -15.55
CA THR A 17 -28.09 15.06 -14.84
C THR A 17 -28.26 16.26 -13.90
N PRO A 18 -29.17 16.16 -12.93
CA PRO A 18 -29.34 17.26 -11.98
C PRO A 18 -28.11 17.45 -11.10
N TYR A 19 -27.86 18.72 -10.76
CA TYR A 19 -26.74 19.04 -9.87
C TYR A 19 -26.92 18.33 -8.54
N CYS A 20 -25.85 17.68 -8.07
CA CYS A 20 -25.93 16.82 -6.90
C CYS A 20 -24.67 16.97 -6.06
N VAL A 21 -24.60 16.20 -4.98
CA VAL A 21 -23.48 16.27 -4.05
C VAL A 21 -22.17 15.96 -4.75
N ALA A 22 -22.17 14.98 -5.66
CA ALA A 22 -20.98 14.68 -6.44
C ALA A 22 -20.48 15.92 -7.19
N ASP A 23 -21.39 16.65 -7.83
CA ASP A 23 -20.99 17.87 -8.53
C ASP A 23 -20.52 18.95 -7.58
N TYR A 24 -21.16 19.05 -6.41
CA TYR A 24 -20.76 20.05 -5.42
C TYR A 24 -19.33 19.81 -4.96
N LEU A 25 -18.98 18.55 -4.67
CA LEU A 25 -17.63 18.23 -4.24
C LEU A 25 -16.62 18.58 -5.34
N LEU A 26 -16.95 18.27 -6.59
CA LEU A 26 -16.04 18.60 -7.67
C LEU A 26 -15.88 20.11 -7.83
N ASP A 27 -16.99 20.86 -7.69
CA ASP A 27 -16.90 22.31 -7.75
C ASP A 27 -15.99 22.85 -6.65
N ARG A 28 -16.14 22.33 -5.42
CA ARG A 28 -15.27 22.75 -4.33
C ARG A 28 -13.82 22.33 -4.59
N LEU A 29 -13.62 21.19 -5.25
CA LEU A 29 -12.29 20.71 -5.58
C LEU A 29 -11.53 21.71 -6.46
N THR A 30 -12.18 22.23 -7.50
CA THR A 30 -11.51 23.20 -8.36
C THR A 30 -11.25 24.51 -7.63
N ASP A 31 -12.17 24.92 -6.73
CA ASP A 31 -11.95 26.12 -5.94
C ASP A 31 -10.64 26.04 -5.17
N CYS A 32 -10.30 24.86 -4.64
CA CYS A 32 -9.09 24.70 -3.86
C CYS A 32 -7.83 24.61 -4.71
N GLY A 33 -7.96 24.52 -6.04
CA GLY A 33 -6.83 24.58 -6.93
C GLY A 33 -6.48 23.31 -7.69
N ALA A 34 -7.30 22.27 -7.61
CA ALA A 34 -7.04 21.01 -8.29
C ALA A 34 -7.80 20.94 -9.61
N ASP A 35 -7.09 20.61 -10.68
CA ASP A 35 -7.70 20.38 -11.98
C ASP A 35 -7.74 18.90 -12.35
N HIS A 36 -7.20 18.03 -11.51
CA HIS A 36 -7.17 16.60 -11.78
C HIS A 36 -7.56 15.82 -10.53
N LEU A 37 -8.06 14.61 -10.76
CA LEU A 37 -8.41 13.67 -9.70
C LEU A 37 -7.69 12.36 -10.00
N PHE A 38 -6.79 11.95 -9.11
CA PHE A 38 -6.07 10.69 -9.23
C PHE A 38 -6.80 9.58 -8.49
N GLY A 39 -6.62 8.35 -8.95
CA GLY A 39 -7.11 7.24 -8.17
C GLY A 39 -7.27 5.98 -9.01
N VAL A 40 -8.03 5.04 -8.44
CA VAL A 40 -8.34 3.76 -9.06
C VAL A 40 -9.83 3.52 -8.89
N PRO A 41 -10.56 3.13 -9.94
CA PRO A 41 -12.01 2.94 -9.79
C PRO A 41 -12.36 1.68 -9.02
N GLY A 42 -13.59 1.68 -8.52
CA GLY A 42 -14.17 0.50 -7.88
C GLY A 42 -15.66 0.61 -8.02
N ASP A 43 -16.35 -0.50 -7.76
CA ASP A 43 -17.81 -0.49 -7.96
C ASP A 43 -18.49 0.54 -7.06
N TYR A 44 -17.91 0.84 -5.89
CA TYR A 44 -18.52 1.80 -4.98
C TYR A 44 -18.36 3.25 -5.42
N ASN A 45 -17.53 3.55 -6.44
CA ASN A 45 -17.33 4.93 -6.86
C ASN A 45 -17.54 5.16 -8.35
N LEU A 46 -18.11 4.19 -9.08
CA LEU A 46 -18.28 4.35 -10.52
C LEU A 46 -19.24 5.49 -10.85
N GLN A 47 -20.35 5.61 -10.11
CA GLN A 47 -21.32 6.65 -10.39
C GLN A 47 -20.76 8.04 -10.11
N PHE A 48 -19.93 8.16 -9.07
CA PHE A 48 -19.23 9.42 -8.84
C PHE A 48 -18.32 9.75 -10.01
N LEU A 49 -17.64 8.75 -10.56
CA LEU A 49 -16.69 8.99 -11.65
C LEU A 49 -17.38 9.52 -12.90
N ASP A 50 -18.65 9.17 -13.11
CA ASP A 50 -19.40 9.76 -14.21
C ASP A 50 -19.38 11.28 -14.14
N HIS A 51 -19.51 11.84 -12.93
CA HIS A 51 -19.48 13.29 -12.78
C HIS A 51 -18.07 13.84 -12.98
N VAL A 52 -17.04 13.06 -12.62
CA VAL A 52 -15.67 13.49 -12.90
C VAL A 52 -15.41 13.55 -14.40
N ILE A 53 -15.85 12.52 -15.14
CA ILE A 53 -15.70 12.52 -16.58
C ILE A 53 -16.45 13.69 -17.21
N ASP A 54 -17.68 13.93 -16.75
CA ASP A 54 -18.52 14.96 -17.32
C ASP A 54 -18.08 16.37 -16.92
N SER A 55 -17.31 16.50 -15.85
CA SER A 55 -16.92 17.83 -15.38
C SER A 55 -15.97 18.48 -16.38
N PRO A 56 -16.17 19.76 -16.72
CA PRO A 56 -15.22 20.46 -17.59
C PRO A 56 -13.99 20.98 -16.86
N ASP A 57 -13.97 20.90 -15.52
CA ASP A 57 -12.89 21.47 -14.73
C ASP A 57 -11.97 20.44 -14.10
N ILE A 58 -12.40 19.18 -13.99
CA ILE A 58 -11.62 18.14 -13.32
C ILE A 58 -11.37 17.03 -14.33
N CYS A 59 -10.12 16.60 -14.43
CA CYS A 59 -9.71 15.55 -15.36
C CYS A 59 -9.38 14.30 -14.54
N TRP A 60 -10.04 13.19 -14.87
CA TRP A 60 -9.73 11.93 -14.19
C TRP A 60 -8.37 11.41 -14.66
N VAL A 61 -7.57 10.95 -13.70
CA VAL A 61 -6.25 10.38 -13.98
C VAL A 61 -6.21 9.01 -13.30
N GLY A 62 -6.57 7.97 -14.03
CA GLY A 62 -6.47 6.62 -13.50
C GLY A 62 -5.01 6.23 -13.31
N CYS A 63 -4.74 5.60 -12.17
CA CYS A 63 -3.39 5.19 -11.80
C CYS A 63 -3.28 3.67 -11.74
N ALA A 64 -2.04 3.19 -11.65
CA ALA A 64 -1.82 1.74 -11.70
C ALA A 64 -2.09 1.05 -10.36
N ASN A 65 -1.95 1.76 -9.24
CA ASN A 65 -2.47 1.27 -7.96
C ASN A 65 -2.66 2.47 -7.03
N GLU A 66 -3.37 2.22 -5.94
CA GLU A 66 -3.79 3.31 -5.06
C GLU A 66 -2.61 3.95 -4.34
N LEU A 67 -1.62 3.15 -3.94
CA LEU A 67 -0.45 3.72 -3.29
C LEU A 67 0.22 4.74 -4.20
N ASN A 68 0.42 4.36 -5.47
CA ASN A 68 1.00 5.27 -6.45
C ASN A 68 0.11 6.49 -6.67
N ALA A 69 -1.20 6.30 -6.74
CA ALA A 69 -2.10 7.43 -6.91
C ALA A 69 -1.96 8.43 -5.77
N SER A 70 -1.78 7.94 -4.54
CA SER A 70 -1.62 8.85 -3.42
C SER A 70 -0.29 9.59 -3.48
N TYR A 71 0.78 8.88 -3.91
CA TYR A 71 2.06 9.55 -4.16
C TYR A 71 1.94 10.59 -5.26
N ALA A 72 1.23 10.26 -6.34
CA ALA A 72 1.09 11.22 -7.44
C ALA A 72 0.32 12.45 -6.98
N ALA A 73 -0.75 12.25 -6.20
CA ALA A 73 -1.50 13.39 -5.67
C ALA A 73 -0.60 14.27 -4.81
N ASP A 74 0.23 13.66 -3.96
CA ASP A 74 1.17 14.40 -3.15
C ASP A 74 2.08 15.27 -4.03
N GLY A 75 2.70 14.66 -5.05
CA GLY A 75 3.56 15.42 -5.93
C GLY A 75 2.82 16.52 -6.67
N TYR A 76 1.60 16.21 -7.11
CA TYR A 76 0.71 17.22 -7.70
C TYR A 76 0.47 18.37 -6.75
N ALA A 77 0.11 18.07 -5.49
CA ALA A 77 -0.17 19.13 -4.53
C ALA A 77 1.06 19.97 -4.23
N ARG A 78 2.25 19.38 -4.31
CA ARG A 78 3.46 20.18 -4.14
C ARG A 78 3.72 21.11 -5.31
N CYS A 79 2.96 20.98 -6.39
CA CYS A 79 3.09 21.87 -7.53
C CYS A 79 1.93 22.85 -7.67
N LYS A 80 0.71 22.43 -7.31
CA LYS A 80 -0.45 23.29 -7.46
C LYS A 80 -1.03 23.77 -6.14
N GLY A 81 -0.53 23.27 -5.00
CA GLY A 81 -1.01 23.68 -3.70
C GLY A 81 -2.16 22.87 -3.15
N PHE A 82 -2.65 21.88 -3.90
CA PHE A 82 -3.81 21.09 -3.50
C PHE A 82 -3.95 19.93 -4.47
N ALA A 83 -4.48 18.80 -3.97
CA ALA A 83 -4.69 17.65 -4.82
C ALA A 83 -5.80 16.79 -4.21
N ALA A 84 -6.31 15.87 -5.03
CA ALA A 84 -7.39 14.99 -4.58
C ALA A 84 -7.13 13.58 -5.08
N LEU A 85 -7.48 12.61 -4.24
CA LEU A 85 -7.32 11.19 -4.51
C LEU A 85 -8.66 10.51 -4.32
N LEU A 86 -9.01 9.61 -5.24
CA LEU A 86 -10.24 8.83 -5.16
C LEU A 86 -9.89 7.34 -5.09
N THR A 87 -10.38 6.67 -4.05
CA THR A 87 -10.19 5.23 -3.91
C THR A 87 -11.53 4.58 -3.62
N THR A 88 -11.55 3.24 -3.66
CA THR A 88 -12.75 2.49 -3.29
C THR A 88 -12.66 2.04 -1.84
N PHE A 89 -13.84 1.84 -1.23
CA PHE A 89 -13.95 1.49 0.18
C PHE A 89 -13.08 0.29 0.53
N GLY A 90 -12.28 0.43 1.58
CA GLY A 90 -11.52 -0.68 2.11
C GLY A 90 -10.24 -0.98 1.37
N VAL A 91 -10.35 -1.74 0.27
CA VAL A 91 -9.15 -2.18 -0.45
C VAL A 91 -8.43 -0.99 -1.07
N GLY A 92 -9.17 0.02 -1.53
CA GLY A 92 -8.52 1.17 -2.13
C GLY A 92 -7.87 2.07 -1.11
N GLU A 93 -8.65 2.49 -0.10
CA GLU A 93 -8.15 3.48 0.86
C GLU A 93 -7.00 2.92 1.70
N LEU A 94 -7.07 1.65 2.08
CA LEU A 94 -5.98 1.09 2.88
C LEU A 94 -4.69 0.98 2.07
N SER A 95 -4.80 0.76 0.76
CA SER A 95 -3.61 0.77 -0.09
C SER A 95 -2.97 2.14 -0.14
N ALA A 96 -3.76 3.21 -0.01
CA ALA A 96 -3.25 4.58 -0.08
C ALA A 96 -2.80 5.12 1.26
N MET A 97 -2.92 4.32 2.33
CA MET A 97 -2.69 4.83 3.68
C MET A 97 -1.28 5.40 3.85
N ASN A 98 -0.27 4.70 3.33
CA ASN A 98 1.10 5.17 3.48
C ASN A 98 1.33 6.48 2.73
N GLY A 99 0.65 6.68 1.59
CA GLY A 99 0.78 7.96 0.89
C GLY A 99 0.14 9.11 1.66
N ILE A 100 -1.07 8.89 2.19
CA ILE A 100 -1.73 9.93 2.98
C ILE A 100 -0.92 10.25 4.23
N ALA A 101 -0.33 9.21 4.85
CA ALA A 101 0.50 9.45 6.03
C ALA A 101 1.70 10.32 5.69
N GLY A 102 2.34 10.08 4.56
CA GLY A 102 3.43 10.95 4.14
C GLY A 102 2.97 12.36 3.89
N SER A 103 1.79 12.52 3.32
CA SER A 103 1.24 13.87 3.11
C SER A 103 1.00 14.56 4.45
N TYR A 104 0.49 13.82 5.44
CA TYR A 104 0.32 14.41 6.77
C TYR A 104 1.66 14.79 7.39
N ALA A 105 2.64 13.88 7.29
CA ALA A 105 3.94 14.10 7.92
C ALA A 105 4.63 15.33 7.35
N GLU A 106 4.51 15.55 6.05
CA GLU A 106 5.21 16.63 5.38
C GLU A 106 4.29 17.80 5.02
N HIS A 107 3.07 17.81 5.56
CA HIS A 107 2.14 18.94 5.42
C HIS A 107 1.80 19.21 3.96
N VAL A 108 1.22 18.22 3.31
CA VAL A 108 0.79 18.33 1.92
C VAL A 108 -0.72 18.16 1.89
N PRO A 109 -1.46 19.13 1.37
CA PRO A 109 -2.93 19.03 1.39
C PRO A 109 -3.49 18.13 0.30
N VAL A 110 -3.57 16.83 0.56
CA VAL A 110 -4.16 15.88 -0.36
C VAL A 110 -5.51 15.45 0.19
N LEU A 111 -6.56 15.59 -0.61
CA LEU A 111 -7.90 15.18 -0.20
C LEU A 111 -8.14 13.73 -0.61
N HIS A 112 -8.48 12.89 0.36
CA HIS A 112 -8.76 11.48 0.12
C HIS A 112 -10.27 11.31 0.06
N ILE A 113 -10.80 11.05 -1.14
CA ILE A 113 -12.21 10.73 -1.31
C ILE A 113 -12.34 9.21 -1.39
N VAL A 114 -13.18 8.65 -0.53
CA VAL A 114 -13.40 7.21 -0.49
C VAL A 114 -14.84 6.94 -0.92
N GLY A 115 -15.01 6.28 -2.05
CA GLY A 115 -16.33 5.84 -2.46
C GLY A 115 -16.72 4.59 -1.69
N ALA A 116 -17.90 4.63 -1.09
CA ALA A 116 -18.35 3.64 -0.11
C ALA A 116 -19.70 3.07 -0.50
N PRO A 117 -20.05 1.89 0.02
CA PRO A 117 -21.38 1.34 -0.24
C PRO A 117 -22.48 2.28 0.26
N GLY A 118 -23.67 2.11 -0.30
CA GLY A 118 -24.79 2.96 0.05
C GLY A 118 -25.11 2.87 1.53
N THR A 119 -25.66 3.97 2.07
CA THR A 119 -25.95 4.04 3.50
C THR A 119 -26.88 2.92 3.93
N ALA A 120 -27.87 2.59 3.09
CA ALA A 120 -28.79 1.50 3.43
C ALA A 120 -28.05 0.20 3.63
N SER A 121 -27.11 -0.12 2.73
CA SER A 121 -26.31 -1.33 2.86
C SER A 121 -25.51 -1.31 4.16
N GLN A 122 -24.95 -0.16 4.51
CA GLN A 122 -24.15 -0.06 5.73
C GLN A 122 -24.99 -0.29 6.99
N GLN A 123 -26.19 0.32 7.05
CA GLN A 123 -27.00 0.23 8.26
C GLN A 123 -27.46 -1.19 8.54
N ARG A 124 -27.66 -2.00 7.50
CA ARG A 124 -28.03 -3.40 7.70
C ARG A 124 -26.84 -4.28 8.02
N GLY A 125 -25.62 -3.75 8.00
CA GLY A 125 -24.46 -4.57 8.31
C GLY A 125 -24.29 -5.74 7.36
N GLU A 126 -24.48 -5.51 6.07
CA GLU A 126 -24.38 -6.58 5.09
C GLU A 126 -22.94 -7.06 4.95
N LEU A 127 -22.79 -8.33 4.59
CA LEU A 127 -21.47 -8.93 4.36
C LEU A 127 -21.04 -8.62 2.92
N LEU A 128 -20.59 -7.38 2.71
CA LEU A 128 -20.23 -6.89 1.40
C LEU A 128 -18.73 -7.08 1.14
N HIS A 129 -18.38 -7.15 -0.14
CA HIS A 129 -16.97 -7.20 -0.49
C HIS A 129 -16.28 -5.92 -0.05
N HIS A 130 -14.98 -6.03 0.24
CA HIS A 130 -14.14 -4.96 0.78
C HIS A 130 -14.48 -4.63 2.23
N THR A 131 -15.09 -5.56 2.97
CA THR A 131 -15.26 -5.41 4.41
C THR A 131 -14.54 -6.57 5.11
N LEU A 132 -14.47 -6.46 6.44
CA LEU A 132 -13.86 -7.51 7.25
C LEU A 132 -14.82 -8.66 7.54
N GLY A 133 -16.01 -8.67 6.93
CA GLY A 133 -16.97 -9.72 7.15
C GLY A 133 -17.74 -9.64 8.45
N ASP A 134 -17.70 -8.50 9.14
CA ASP A 134 -18.36 -8.31 10.42
C ASP A 134 -19.53 -7.31 10.35
N GLY A 135 -19.83 -6.75 9.18
CA GLY A 135 -20.90 -5.79 9.08
C GLY A 135 -20.54 -4.40 9.57
N GLU A 136 -19.27 -4.15 9.88
CA GLU A 136 -18.82 -2.85 10.34
C GLU A 136 -18.28 -2.06 9.16
N PHE A 137 -18.73 -0.82 9.01
CA PHE A 137 -18.35 -0.01 7.86
C PHE A 137 -17.60 1.26 8.26
N ARG A 138 -17.14 1.37 9.51
CA ARG A 138 -16.43 2.55 9.97
C ARG A 138 -15.03 2.25 10.47
N HIS A 139 -14.56 1.00 10.33
CA HIS A 139 -13.21 0.65 10.74
C HIS A 139 -12.18 1.54 10.05
N PHE A 140 -12.26 1.65 8.73
CA PHE A 140 -11.22 2.32 7.97
C PHE A 140 -11.29 3.84 8.11
N TYR A 141 -12.49 4.38 8.34
CA TYR A 141 -12.62 5.80 8.66
C TYR A 141 -11.81 6.14 9.91
N HIS A 142 -11.99 5.36 10.98
CA HIS A 142 -11.28 5.65 12.22
C HIS A 142 -9.78 5.45 12.06
N MET A 143 -9.37 4.43 11.28
CA MET A 143 -7.95 4.18 11.06
C MET A 143 -7.27 5.35 10.35
N SER A 144 -8.02 6.13 9.58
CA SER A 144 -7.45 7.29 8.90
C SER A 144 -7.36 8.53 9.78
N GLU A 145 -8.00 8.52 10.97
CA GLU A 145 -7.99 9.71 11.81
C GLU A 145 -6.59 10.23 12.15
N PRO A 146 -5.62 9.40 12.55
CA PRO A 146 -4.32 9.96 12.96
C PRO A 146 -3.54 10.61 11.82
N ILE A 147 -3.90 10.40 10.56
CA ILE A 147 -3.13 10.93 9.45
C ILE A 147 -3.91 11.95 8.62
N THR A 148 -4.94 12.57 9.22
CA THR A 148 -5.68 13.64 8.56
C THR A 148 -6.00 14.72 9.60
N VAL A 149 -6.10 15.97 9.14
CA VAL A 149 -6.50 17.07 10.03
C VAL A 149 -8.01 17.19 10.16
N ALA A 150 -8.77 16.57 9.25
CA ALA A 150 -10.22 16.66 9.29
C ALA A 150 -10.77 15.52 8.44
N GLN A 151 -11.91 14.99 8.87
CA GLN A 151 -12.56 13.93 8.10
C GLN A 151 -14.05 13.98 8.36
N ALA A 152 -14.81 13.35 7.47
CA ALA A 152 -16.25 13.30 7.64
C ALA A 152 -16.80 12.10 6.92
N ILE A 153 -17.92 11.57 7.43
CA ILE A 153 -18.77 10.64 6.70
C ILE A 153 -19.92 11.46 6.14
N LEU A 154 -19.99 11.57 4.83
CA LEU A 154 -21.01 12.41 4.20
C LEU A 154 -22.36 11.71 4.26
N THR A 155 -23.38 12.45 4.70
CA THR A 155 -24.75 11.96 4.73
C THR A 155 -25.63 12.90 3.93
N GLU A 156 -26.88 12.48 3.71
CA GLU A 156 -27.85 13.35 3.06
C GLU A 156 -28.10 14.62 3.88
N GLN A 157 -27.89 14.54 5.20
CA GLN A 157 -28.19 15.65 6.09
C GLN A 157 -27.01 16.58 6.36
N ASN A 158 -25.79 16.21 5.92
CA ASN A 158 -24.61 17.01 6.25
C ASN A 158 -23.69 17.31 5.07
N ALA A 159 -23.99 16.81 3.87
CA ALA A 159 -22.95 16.60 2.86
C ALA A 159 -22.20 17.89 2.53
N CYS A 160 -22.93 18.95 2.19
CA CYS A 160 -22.29 20.11 1.59
C CYS A 160 -21.48 20.90 2.61
N TYR A 161 -21.97 21.03 3.85
CA TYR A 161 -21.18 21.78 4.82
C TYR A 161 -20.03 20.94 5.40
N GLU A 162 -20.18 19.62 5.44
CA GLU A 162 -19.05 18.78 5.84
C GLU A 162 -17.96 18.80 4.77
N ILE A 163 -18.34 18.86 3.49
CA ILE A 163 -17.35 19.01 2.43
C ILE A 163 -16.58 20.32 2.61
N ASP A 164 -17.31 21.42 2.84
CA ASP A 164 -16.66 22.71 2.99
C ASP A 164 -15.80 22.77 4.24
N ARG A 165 -16.25 22.16 5.33
CA ARG A 165 -15.47 22.17 6.57
C ARG A 165 -14.14 21.44 6.40
N VAL A 166 -14.17 20.25 5.79
CA VAL A 166 -12.95 19.46 5.63
C VAL A 166 -11.95 20.19 4.75
N LEU A 167 -12.43 20.72 3.62
CA LEU A 167 -11.53 21.42 2.70
C LEU A 167 -10.94 22.66 3.34
N THR A 168 -11.76 23.40 4.09
CA THR A 168 -11.27 24.63 4.74
C THR A 168 -10.17 24.31 5.74
N THR A 169 -10.36 23.26 6.56
CA THR A 169 -9.32 22.83 7.49
C THR A 169 -8.06 22.40 6.74
N MET A 170 -8.21 21.65 5.65
CA MET A 170 -7.07 21.26 4.82
C MET A 170 -6.32 22.49 4.34
N LEU A 171 -7.04 23.51 3.86
CA LEU A 171 -6.39 24.73 3.42
C LEU A 171 -5.71 25.44 4.59
N ARG A 172 -6.38 25.47 5.75
CA ARG A 172 -5.81 26.15 6.92
C ARG A 172 -4.54 25.48 7.39
N GLU A 173 -4.56 24.14 7.52
CA GLU A 173 -3.44 23.41 8.09
C GLU A 173 -2.47 22.90 7.04
N ARG A 174 -2.84 22.93 5.76
CA ARG A 174 -2.03 22.38 4.68
C ARG A 174 -1.70 20.91 4.94
N ARG A 175 -2.76 20.13 5.18
CA ARG A 175 -2.60 18.73 5.54
C ARG A 175 -3.78 17.95 4.95
N PRO A 176 -3.66 16.62 4.85
CA PRO A 176 -4.71 15.86 4.17
C PRO A 176 -6.04 15.84 4.90
N GLY A 177 -7.10 15.66 4.13
CA GLY A 177 -8.42 15.41 4.67
C GLY A 177 -9.01 14.14 4.07
N TYR A 178 -10.14 13.73 4.61
CA TYR A 178 -10.74 12.44 4.27
C TYR A 178 -12.24 12.61 4.18
N LEU A 179 -12.82 12.13 3.08
CA LEU A 179 -14.28 12.14 2.91
C LEU A 179 -14.74 10.75 2.55
N MET A 180 -15.66 10.19 3.33
CA MET A 180 -16.36 8.97 2.93
C MET A 180 -17.62 9.38 2.21
N LEU A 181 -17.79 8.90 0.98
CA LEU A 181 -18.92 9.30 0.13
C LEU A 181 -19.71 8.07 -0.27
N PRO A 182 -20.75 7.71 0.49
CA PRO A 182 -21.63 6.63 0.06
C PRO A 182 -22.25 6.95 -1.29
N ALA A 183 -22.43 5.91 -2.12
CA ALA A 183 -22.89 6.12 -3.49
C ALA A 183 -24.25 6.79 -3.52
N ASP A 184 -25.14 6.44 -2.59
CA ASP A 184 -26.46 7.06 -2.59
C ASP A 184 -26.37 8.53 -2.20
N VAL A 185 -25.45 8.88 -1.29
CA VAL A 185 -25.28 10.27 -0.87
C VAL A 185 -24.78 11.11 -2.04
N ALA A 186 -23.89 10.53 -2.87
CA ALA A 186 -23.32 11.29 -3.99
C ALA A 186 -24.37 11.75 -4.96
N LYS A 187 -25.50 11.03 -5.06
CA LYS A 187 -26.56 11.39 -5.99
C LYS A 187 -27.57 12.37 -5.42
N LYS A 188 -27.47 12.70 -4.13
CA LYS A 188 -28.47 13.57 -3.50
C LYS A 188 -28.40 14.97 -4.10
N ALA A 189 -29.57 15.61 -4.20
CA ALA A 189 -29.66 16.93 -4.80
C ALA A 189 -28.85 17.96 -4.01
N ALA A 190 -28.21 18.88 -4.75
CA ALA A 190 -27.49 19.98 -4.16
C ALA A 190 -27.69 21.21 -5.04
N THR A 191 -27.16 22.34 -4.60
CA THR A 191 -27.23 23.59 -5.33
C THR A 191 -25.84 24.15 -5.54
N PRO A 192 -25.51 24.62 -6.75
CA PRO A 192 -24.18 25.20 -6.98
C PRO A 192 -23.96 26.41 -6.12
N PRO A 193 -22.80 26.52 -5.48
CA PRO A 193 -22.55 27.69 -4.63
C PRO A 193 -22.29 28.93 -5.47
N VAL A 194 -22.80 30.07 -4.99
CA VAL A 194 -22.56 31.33 -5.69
C VAL A 194 -21.10 31.74 -5.56
N ASN A 195 -20.51 31.53 -4.39
CA ASN A 195 -19.15 31.99 -4.10
C ASN A 195 -18.22 30.79 -3.95
N ALA A 196 -17.06 30.88 -4.59
CA ALA A 196 -16.07 29.83 -4.47
C ALA A 196 -15.51 29.75 -3.06
N LEU A 197 -15.20 28.52 -2.64
CA LEU A 197 -14.60 28.29 -1.33
C LEU A 197 -13.28 29.05 -1.24
N THR A 198 -13.14 29.86 -0.18
CA THR A 198 -11.92 30.63 0.03
C THR A 198 -11.57 30.60 1.51
N LEU A 199 -10.27 30.77 1.78
CA LEU A 199 -9.73 30.67 3.13
C LEU A 199 -9.76 32.01 3.87
N ARG A 200 -9.37 33.11 3.20
CA ARG A 200 -9.45 34.43 3.82
C ARG A 200 -8.61 34.52 5.09
N HIS A 201 -7.28 34.65 4.93
CA HIS A 201 -6.30 34.60 6.00
C HIS A 201 -6.76 35.21 7.32
N ALA A 202 -6.49 34.51 8.42
CA ALA A 202 -6.83 35.01 9.73
C ALA A 202 -5.81 36.05 10.16
N HIS A 203 -6.12 36.74 11.25
CA HIS A 203 -5.25 37.78 11.76
C HIS A 203 -5.00 37.54 13.24
N ALA A 204 -3.77 37.74 13.67
CA ALA A 204 -3.45 37.68 15.08
C ALA A 204 -4.14 38.81 15.82
N ASP A 205 -4.49 38.56 17.07
CA ASP A 205 -4.90 39.63 17.96
C ASP A 205 -3.81 40.70 17.96
N SER A 206 -4.20 41.97 17.83
CA SER A 206 -3.19 43.00 17.59
C SER A 206 -2.26 43.17 18.79
N ALA A 207 -2.76 42.96 20.01
CA ALA A 207 -1.89 42.98 21.17
C ALA A 207 -0.94 41.79 21.17
N CYS A 208 -1.43 40.62 20.75
CA CYS A 208 -0.56 39.45 20.66
C CYS A 208 0.54 39.65 19.62
N LEU A 209 0.19 40.19 18.45
CA LEU A 209 1.19 40.47 17.43
C LEU A 209 2.19 41.52 17.92
N LYS A 210 1.70 42.57 18.59
CA LYS A 210 2.58 43.61 19.10
C LYS A 210 3.57 43.04 20.12
N ALA A 211 3.12 42.14 20.98
CA ALA A 211 4.02 41.53 21.96
C ALA A 211 5.15 40.78 21.26
N PHE A 212 4.81 39.98 20.23
CA PHE A 212 5.85 39.30 19.47
C PHE A 212 6.76 40.30 18.77
N ARG A 213 6.18 41.35 18.17
CA ARG A 213 6.98 42.35 17.47
C ARG A 213 7.97 43.02 18.41
N ASP A 214 7.51 43.39 19.61
CA ASP A 214 8.39 44.05 20.57
C ASP A 214 9.54 43.14 21.00
N ALA A 215 9.25 41.86 21.24
CA ALA A 215 10.30 40.93 21.62
C ALA A 215 11.28 40.67 20.48
N ALA A 216 10.76 40.49 19.26
CA ALA A 216 11.65 40.27 18.12
C ALA A 216 12.49 41.51 17.82
N GLU A 217 11.90 42.70 17.92
CA GLU A 217 12.66 43.92 17.68
C GLU A 217 13.81 44.09 18.67
N ASN A 218 13.55 43.83 19.96
CA ASN A 218 14.61 43.94 20.95
C ASN A 218 15.75 42.98 20.62
N ARG A 219 15.40 41.73 20.29
CA ARG A 219 16.42 40.73 19.99
C ARG A 219 17.22 41.12 18.75
N LEU A 220 16.51 41.55 17.69
CA LEU A 220 17.19 41.93 16.46
C LEU A 220 17.98 43.23 16.60
N ALA A 221 17.57 44.12 17.50
CA ALA A 221 18.24 45.40 17.62
C ALA A 221 19.68 45.26 18.09
N MET A 222 19.96 44.26 18.93
CA MET A 222 21.31 43.97 19.38
C MET A 222 21.96 42.80 18.66
N SER A 223 21.41 42.40 17.52
CA SER A 223 22.01 41.35 16.71
C SER A 223 23.14 41.96 15.90
N LYS A 224 24.35 41.40 16.04
CA LYS A 224 25.48 41.88 15.25
C LYS A 224 25.44 41.32 13.84
N ARG A 225 25.37 40.00 13.70
CA ARG A 225 25.21 39.33 12.42
C ARG A 225 23.97 38.47 12.46
N THR A 226 23.08 38.64 11.48
CA THR A 226 21.82 37.92 11.41
C THR A 226 21.79 37.03 10.17
N ALA A 227 21.24 35.83 10.33
CA ALA A 227 21.10 34.87 9.25
C ALA A 227 19.67 34.33 9.21
N LEU A 228 19.28 33.84 8.04
CA LEU A 228 17.93 33.35 7.79
C LEU A 228 18.00 31.87 7.41
N LEU A 229 17.21 31.05 8.11
CA LEU A 229 17.08 29.63 7.79
C LEU A 229 15.60 29.33 7.57
N ALA A 230 15.24 28.95 6.34
CA ALA A 230 13.86 28.68 5.97
C ALA A 230 13.71 27.24 5.51
N ASP A 231 12.53 26.67 5.70
CA ASP A 231 12.34 25.30 5.23
C ASP A 231 10.89 25.07 4.83
N PHE A 232 10.50 23.80 4.76
CA PHE A 232 9.41 23.36 3.90
C PHE A 232 8.07 23.98 4.25
N LEU A 233 7.88 24.42 5.50
CA LEU A 233 6.59 25.00 5.83
C LEU A 233 6.37 26.32 5.08
N VAL A 234 7.46 26.98 4.68
CA VAL A 234 7.34 28.16 3.82
C VAL A 234 6.77 27.77 2.46
N LEU A 235 7.19 26.62 1.92
CA LEU A 235 6.65 26.16 0.65
C LEU A 235 5.16 25.85 0.76
N ARG A 236 4.77 25.10 1.80
CA ARG A 236 3.40 24.63 1.90
C ARG A 236 2.42 25.77 2.09
N HIS A 237 2.82 26.82 2.81
CA HIS A 237 1.94 27.95 3.08
C HIS A 237 2.10 29.09 2.07
N GLY A 238 2.67 28.80 0.90
CA GLY A 238 2.72 29.77 -0.18
C GLY A 238 3.56 31.00 0.07
N LEU A 239 4.62 30.88 0.88
CA LEU A 239 5.44 32.02 1.26
C LEU A 239 6.81 32.03 0.59
N LYS A 240 6.99 31.23 -0.46
CA LYS A 240 8.29 31.19 -1.15
C LYS A 240 8.65 32.57 -1.73
N HIS A 241 7.69 33.24 -2.36
CA HIS A 241 7.98 34.57 -2.90
C HIS A 241 8.35 35.55 -1.79
N ALA A 242 7.64 35.50 -0.67
CA ALA A 242 7.93 36.42 0.44
C ALA A 242 9.33 36.21 0.98
N LEU A 243 9.77 34.95 1.09
CA LEU A 243 11.11 34.66 1.57
C LEU A 243 12.16 35.11 0.55
N GLN A 244 11.88 34.95 -0.74
CA GLN A 244 12.80 35.39 -1.78
C GLN A 244 12.95 36.91 -1.77
N LYS A 245 11.83 37.64 -1.72
CA LYS A 245 11.89 39.10 -1.66
C LYS A 245 12.55 39.56 -0.37
N TRP A 246 12.37 38.80 0.71
CA TRP A 246 12.99 39.13 1.99
C TRP A 246 14.51 39.22 1.86
N VAL A 247 15.13 38.18 1.31
CA VAL A 247 16.59 38.18 1.25
C VAL A 247 17.12 39.09 0.16
N LYS A 248 16.31 39.40 -0.87
CA LYS A 248 16.70 40.41 -1.85
C LYS A 248 16.70 41.81 -1.25
N ASP A 249 15.61 42.18 -0.57
CA ASP A 249 15.52 43.51 0.03
C ASP A 249 16.43 43.64 1.24
N VAL A 250 16.79 42.51 1.85
CA VAL A 250 17.60 42.51 3.07
C VAL A 250 18.69 41.45 2.91
N PRO A 251 19.82 41.78 2.27
CA PRO A 251 20.86 40.77 2.06
C PRO A 251 21.46 40.29 3.38
N MET A 252 21.45 38.97 3.57
CA MET A 252 22.09 38.32 4.71
C MET A 252 22.39 36.88 4.32
N ALA A 253 23.27 36.25 5.09
CA ALA A 253 23.51 34.83 4.91
C ALA A 253 22.21 34.07 5.12
N HIS A 254 21.88 33.20 4.17
CA HIS A 254 20.62 32.47 4.22
C HIS A 254 20.82 31.07 3.66
N ALA A 255 19.99 30.15 4.15
CA ALA A 255 20.03 28.76 3.71
C ALA A 255 18.66 28.15 3.91
N THR A 256 18.54 26.91 3.44
CA THR A 256 17.44 26.02 3.79
C THR A 256 18.04 24.72 4.29
N MET A 257 17.18 23.82 4.75
CA MET A 257 17.57 22.44 4.96
C MET A 257 17.10 21.62 3.75
N LEU A 258 17.23 20.30 3.83
CA LEU A 258 16.95 19.47 2.66
C LEU A 258 15.48 19.57 2.23
N MET A 259 14.55 19.54 3.19
CA MET A 259 13.13 19.51 2.84
C MET A 259 12.70 20.76 2.10
N GLY A 260 13.21 21.92 2.51
CA GLY A 260 12.85 23.19 1.94
C GLY A 260 13.76 23.67 0.82
N LYS A 261 14.64 22.82 0.32
CA LYS A 261 15.49 23.21 -0.80
C LYS A 261 14.62 23.61 -1.99
N GLY A 262 14.98 24.73 -2.61
CA GLY A 262 14.19 25.30 -3.69
C GLY A 262 13.50 26.61 -3.33
N ILE A 263 13.50 26.99 -2.06
CA ILE A 263 12.94 28.28 -1.66
C ILE A 263 13.76 29.41 -2.25
N PHE A 264 15.08 29.30 -2.22
CA PHE A 264 15.98 30.37 -2.63
C PHE A 264 16.71 30.00 -3.92
N ASP A 265 16.94 31.00 -4.76
CA ASP A 265 17.91 30.89 -5.85
C ASP A 265 19.30 30.74 -5.23
N GLU A 266 19.91 29.57 -5.39
CA GLU A 266 21.14 29.23 -4.70
C GLU A 266 22.38 29.86 -5.32
N ARG A 267 22.25 30.55 -6.46
CA ARG A 267 23.36 31.31 -7.03
C ARG A 267 23.48 32.70 -6.43
N HIS A 268 22.46 33.16 -5.70
CA HIS A 268 22.42 34.53 -5.20
C HIS A 268 23.43 34.76 -4.08
N VAL A 269 23.82 36.02 -3.92
CA VAL A 269 24.75 36.40 -2.87
C VAL A 269 24.12 36.12 -1.50
N GLY A 270 24.95 35.63 -0.58
CA GLY A 270 24.48 35.26 0.73
C GLY A 270 24.13 33.79 0.90
N PHE A 271 24.10 33.02 -0.18
CA PHE A 271 23.85 31.59 -0.12
C PHE A 271 25.16 30.84 -0.26
N TYR A 272 25.42 29.93 0.68
CA TYR A 272 26.66 29.16 0.68
C TYR A 272 26.43 27.65 0.57
N GLY A 273 25.18 27.20 0.52
CA GLY A 273 24.86 25.79 0.48
C GLY A 273 23.79 25.43 1.48
N THR A 274 23.27 24.23 1.30
CA THR A 274 22.22 23.72 2.18
C THR A 274 22.78 23.44 3.57
N TYR A 275 21.97 23.70 4.58
CA TYR A 275 22.35 23.49 5.98
C TYR A 275 21.94 22.08 6.41
N SER A 276 22.89 21.32 6.94
CA SER A 276 22.61 19.97 7.39
C SER A 276 23.32 19.69 8.71
N GLY A 277 23.29 20.64 9.64
CA GLY A 277 23.96 20.45 10.91
C GLY A 277 25.47 20.33 10.76
N SER A 278 26.06 19.40 11.49
CA SER A 278 27.50 19.19 11.43
C SER A 278 27.95 18.66 10.07
N ALA A 279 27.04 18.18 9.23
CA ALA A 279 27.39 17.74 7.89
C ALA A 279 27.45 18.88 6.88
N SER A 280 27.16 20.11 7.31
CA SER A 280 27.18 21.25 6.39
C SER A 280 28.60 21.55 5.95
N ALA A 281 28.72 22.19 4.77
CA ALA A 281 29.99 22.74 4.35
C ALA A 281 30.47 23.76 5.38
N GLY A 282 31.79 23.91 5.47
CA GLY A 282 32.35 24.81 6.47
C GLY A 282 31.80 26.23 6.35
N ALA A 283 31.65 26.72 5.12
CA ALA A 283 31.10 28.06 4.92
C ALA A 283 29.65 28.13 5.39
N VAL A 284 28.87 27.06 5.15
CA VAL A 284 27.48 27.06 5.58
C VAL A 284 27.38 27.06 7.10
N LYS A 285 28.19 26.24 7.77
CA LYS A 285 28.21 26.23 9.22
C LYS A 285 28.51 27.61 9.79
N GLU A 286 29.49 28.31 9.20
CA GLU A 286 29.82 29.65 9.67
C GLU A 286 28.73 30.65 9.32
N ALA A 287 28.12 30.52 8.14
CA ALA A 287 27.09 31.46 7.73
C ALA A 287 25.87 31.40 8.65
N ILE A 288 25.41 30.20 8.98
CA ILE A 288 24.18 30.05 9.74
C ILE A 288 24.49 29.94 11.24
N GLU A 289 25.22 28.89 11.62
CA GLU A 289 25.48 28.67 13.04
C GLU A 289 26.42 29.71 13.63
N GLY A 290 27.19 30.41 12.79
CA GLY A 290 28.08 31.44 13.27
C GLY A 290 27.42 32.78 13.55
N ALA A 291 26.20 32.98 13.07
CA ALA A 291 25.46 34.21 13.35
C ALA A 291 24.99 34.21 14.80
N ASP A 292 24.92 35.42 15.38
CA ASP A 292 24.40 35.53 16.74
C ASP A 292 22.88 35.50 16.79
N THR A 293 22.21 35.73 15.65
CA THR A 293 20.76 35.64 15.58
C THR A 293 20.41 34.89 14.30
N VAL A 294 19.66 33.80 14.43
CA VAL A 294 19.22 33.01 13.28
C VAL A 294 17.69 33.01 13.27
N LEU A 295 17.12 33.44 12.16
CA LEU A 295 15.67 33.40 11.96
C LEU A 295 15.32 32.07 11.33
N CYS A 296 14.62 31.22 12.10
CA CYS A 296 14.21 29.90 11.63
C CYS A 296 12.75 29.97 11.22
N ILE A 297 12.50 29.93 9.91
CA ILE A 297 11.17 30.15 9.36
C ILE A 297 10.65 28.82 8.81
N GLY A 298 9.64 28.27 9.48
CA GLY A 298 9.04 27.02 9.04
C GLY A 298 9.98 25.84 9.06
N THR A 299 10.79 25.73 10.12
CA THR A 299 11.84 24.72 10.23
C THR A 299 11.40 23.58 11.14
N ARG A 300 11.80 22.36 10.78
CA ARG A 300 11.64 21.19 11.62
C ARG A 300 12.96 20.43 11.61
N PHE A 301 13.61 20.33 12.77
CA PHE A 301 14.96 19.77 12.84
C PHE A 301 14.86 18.25 12.99
N THR A 302 14.64 17.58 11.86
CA THR A 302 14.53 16.13 11.87
C THR A 302 15.93 15.50 11.88
N ASP A 303 15.96 14.18 12.14
CA ASP A 303 17.24 13.48 12.26
C ASP A 303 18.05 13.53 10.96
N THR A 304 17.39 13.31 9.82
CA THR A 304 18.11 13.34 8.54
C THR A 304 18.57 14.74 8.19
N LEU A 305 17.72 15.75 8.39
CA LEU A 305 18.05 17.11 8.01
C LEU A 305 19.22 17.66 8.81
N THR A 306 19.42 17.16 10.02
CA THR A 306 20.46 17.67 10.91
C THR A 306 21.61 16.68 11.09
N ALA A 307 21.68 15.65 10.25
CA ALA A 307 22.74 14.63 10.32
C ALA A 307 22.88 14.09 11.74
N GLY A 308 21.76 13.65 12.30
CA GLY A 308 21.78 13.05 13.63
C GLY A 308 21.64 14.05 14.76
N PHE A 309 20.83 15.10 14.55
CA PHE A 309 20.59 16.14 15.55
C PHE A 309 21.88 16.80 16.01
N THR A 310 22.80 17.02 15.07
CA THR A 310 24.07 17.66 15.36
C THR A 310 24.07 19.16 15.05
N HIS A 311 22.90 19.74 14.82
CA HIS A 311 22.80 21.19 14.65
C HIS A 311 23.13 21.89 15.97
N GLN A 312 23.78 23.04 15.87
CA GLN A 312 24.16 23.83 17.04
C GLN A 312 23.48 25.20 16.94
N LEU A 313 22.24 25.25 17.43
CA LEU A 313 21.47 26.50 17.49
C LEU A 313 20.77 26.55 18.83
N THR A 314 21.08 27.57 19.65
CA THR A 314 20.49 27.68 20.98
C THR A 314 19.20 28.47 20.92
N PRO A 315 18.32 28.30 21.91
CA PRO A 315 17.08 29.09 21.94
C PRO A 315 17.32 30.60 21.95
N SER A 316 18.33 31.07 22.68
CA SER A 316 18.61 32.51 22.72
C SER A 316 19.15 33.00 21.39
N GLN A 317 19.79 32.12 20.62
CA GLN A 317 20.35 32.48 19.33
C GLN A 317 19.29 32.60 18.25
N THR A 318 18.08 32.07 18.47
CA THR A 318 17.14 31.87 17.38
C THR A 318 15.82 32.60 17.62
N ILE A 319 15.20 33.01 16.51
CA ILE A 319 13.80 33.39 16.45
C ILE A 319 13.12 32.42 15.49
N GLU A 320 12.02 31.82 15.94
CA GLU A 320 11.42 30.70 15.23
C GLU A 320 9.99 31.04 14.84
N VAL A 321 9.62 30.75 13.60
CA VAL A 321 8.27 31.02 13.10
C VAL A 321 7.66 29.70 12.64
N GLN A 322 6.51 29.35 13.25
CA GLN A 322 5.77 28.13 12.94
C GLN A 322 4.37 28.53 12.48
N PRO A 323 3.57 27.61 11.92
CA PRO A 323 2.32 28.03 11.26
C PRO A 323 1.37 28.86 12.11
N HIS A 324 1.22 28.56 13.39
CA HIS A 324 0.29 29.30 14.23
C HIS A 324 0.96 29.95 15.43
N ALA A 325 2.29 29.89 15.53
CA ALA A 325 2.96 30.44 16.70
C ALA A 325 4.41 30.73 16.34
N SER A 326 4.98 31.71 17.05
CA SER A 326 6.37 32.08 16.86
C SER A 326 7.05 32.23 18.21
N ARG A 327 8.37 32.07 18.19
CA ARG A 327 9.15 32.08 19.42
C ARG A 327 10.29 33.08 19.31
N VAL A 328 10.52 33.83 20.39
CA VAL A 328 11.69 34.67 20.53
C VAL A 328 12.40 34.19 21.79
N GLY A 329 13.59 33.65 21.65
CA GLY A 329 14.31 33.14 22.80
C GLY A 329 13.55 31.99 23.44
N ASP A 330 13.26 32.12 24.73
CA ASP A 330 12.54 31.10 25.48
C ASP A 330 11.04 31.34 25.55
N VAL A 331 10.54 32.43 24.98
CA VAL A 331 9.14 32.82 25.09
C VAL A 331 8.44 32.54 23.77
N TRP A 332 7.29 31.86 23.86
CA TRP A 332 6.45 31.54 22.71
C TRP A 332 5.29 32.53 22.60
N PHE A 333 4.94 32.87 21.36
CA PHE A 333 3.83 33.78 21.07
C PHE A 333 2.85 33.02 20.19
N THR A 334 1.75 32.54 20.78
CA THR A 334 0.83 31.65 20.08
C THR A 334 -0.36 32.42 19.53
N GLY A 335 -0.98 31.85 18.50
CA GLY A 335 -2.08 32.52 17.83
C GLY A 335 -1.66 33.57 16.81
N ILE A 336 -0.46 33.46 16.25
CA ILE A 336 0.03 34.40 15.27
C ILE A 336 0.20 33.68 13.94
N PRO A 337 -0.53 34.05 12.89
CA PRO A 337 -0.31 33.42 11.58
C PRO A 337 1.12 33.65 11.11
N MET A 338 1.67 32.61 10.50
CA MET A 338 3.06 32.64 10.08
C MET A 338 3.32 33.76 9.07
N LEU A 339 2.34 34.05 8.20
CA LEU A 339 2.50 35.17 7.27
C LEU A 339 2.68 36.49 8.01
N GLN A 340 1.87 36.71 9.06
CA GLN A 340 1.99 37.95 9.82
C GLN A 340 3.32 38.03 10.57
N ALA A 341 3.78 36.91 11.13
CA ALA A 341 5.08 36.89 11.80
C ALA A 341 6.20 37.22 10.81
N ILE A 342 6.14 36.63 9.61
CA ILE A 342 7.17 36.90 8.61
C ILE A 342 7.14 38.38 8.21
N GLU A 343 5.94 38.91 7.95
CA GLU A 343 5.82 40.32 7.57
C GLU A 343 6.38 41.23 8.66
N THR A 344 6.13 40.86 9.92
CA THR A 344 6.70 41.61 11.04
C THR A 344 8.23 41.55 11.01
N LEU A 345 8.78 40.34 10.83
CA LEU A 345 10.23 40.20 10.83
C LEU A 345 10.87 40.92 9.66
N VAL A 346 10.20 40.94 8.51
CA VAL A 346 10.76 41.60 7.33
C VAL A 346 10.91 43.09 7.59
N GLU A 347 9.86 43.71 8.13
CA GLU A 347 9.94 45.12 8.52
C GLU A 347 11.06 45.36 9.52
N LEU A 348 11.12 44.51 10.55
CA LEU A 348 12.14 44.71 11.59
C LEU A 348 13.54 44.52 11.02
N CYS A 349 13.71 43.54 10.13
CA CYS A 349 15.01 43.31 9.51
C CYS A 349 15.43 44.48 8.64
N LYS A 350 14.50 45.07 7.87
CA LYS A 350 14.84 46.25 7.07
C LYS A 350 15.35 47.38 7.94
N GLN A 351 14.94 47.42 9.21
CA GLN A 351 15.39 48.48 10.11
C GLN A 351 16.67 48.12 10.85
N HIS A 352 16.85 46.86 11.25
CA HIS A 352 17.85 46.53 12.25
C HIS A 352 18.98 45.61 11.80
N VAL A 353 18.89 44.93 10.66
CA VAL A 353 20.02 44.13 10.24
C VAL A 353 20.90 44.98 9.34
N HIS A 354 22.12 45.20 9.82
CA HIS A 354 23.13 46.08 9.25
C HIS A 354 24.16 45.23 8.52
N ASP A 355 23.69 44.45 7.54
CA ASP A 355 24.45 43.36 6.96
C ASP A 355 24.54 43.49 5.44
N THR A 356 25.61 42.91 4.93
CA THR A 356 25.86 42.74 3.50
C THR A 356 26.78 41.53 3.36
N PRO A 357 26.30 40.50 2.67
CA PRO A 357 27.02 39.25 2.49
C PRO A 357 28.30 39.37 1.68
N VAL A 358 28.26 39.92 0.48
CA VAL A 358 29.46 40.06 -0.34
C VAL A 358 30.25 38.74 -0.38
N PRO A 359 30.04 37.96 -1.45
CA PRO A 359 30.72 36.68 -1.62
C PRO A 359 32.23 36.79 -1.44
N PRO A 370 34.53 16.68 -15.44
CA PRO A 370 34.34 15.34 -16.02
C PRO A 370 35.41 14.34 -15.54
N ASP A 371 35.12 13.06 -15.68
CA ASP A 371 35.92 11.99 -15.07
C ASP A 371 35.91 10.79 -16.01
N GLY A 372 36.25 9.62 -15.49
CA GLY A 372 36.11 8.37 -16.22
C GLY A 372 34.97 7.53 -15.66
N SER A 373 35.30 6.51 -14.87
CA SER A 373 34.29 5.64 -14.29
C SER A 373 33.36 6.42 -13.36
N LEU A 374 32.07 6.13 -13.44
CA LEU A 374 31.07 6.88 -12.70
C LEU A 374 31.22 6.64 -11.20
N THR A 375 31.17 7.73 -10.44
CA THR A 375 31.11 7.69 -8.98
C THR A 375 29.99 8.61 -8.53
N GLN A 376 29.64 8.52 -7.25
CA GLN A 376 28.71 9.51 -6.70
C GLN A 376 29.24 10.93 -6.92
N ASP A 377 30.54 11.13 -6.73
CA ASP A 377 31.13 12.46 -6.84
C ASP A 377 30.97 13.03 -8.25
N ASN A 378 31.39 12.30 -9.28
CA ASN A 378 31.28 12.88 -10.61
C ASN A 378 29.87 12.82 -11.18
N PHE A 379 29.01 11.92 -10.67
CA PHE A 379 27.63 11.93 -11.11
C PHE A 379 26.94 13.23 -10.72
N TRP A 380 27.07 13.64 -9.45
CA TRP A 380 26.39 14.84 -8.98
C TRP A 380 27.01 16.10 -9.58
N LYS A 381 28.32 16.09 -9.81
CA LYS A 381 28.96 17.20 -10.51
C LYS A 381 28.49 17.29 -11.95
N THR A 382 28.31 16.14 -12.62
CA THR A 382 27.78 16.14 -13.97
C THR A 382 26.34 16.64 -14.02
N LEU A 383 25.52 16.18 -13.06
CA LEU A 383 24.13 16.64 -13.02
C LEU A 383 24.03 18.13 -12.74
N GLN A 384 24.99 18.68 -11.98
CA GLN A 384 24.97 20.11 -11.69
C GLN A 384 25.01 20.95 -12.95
N THR A 385 25.82 20.55 -13.94
CA THR A 385 25.88 21.29 -15.19
C THR A 385 24.62 21.16 -16.03
N PHE A 386 23.76 20.20 -15.71
CA PHE A 386 22.58 19.90 -16.53
C PHE A 386 21.32 20.63 -16.07
N ILE A 387 21.16 20.91 -14.78
CA ILE A 387 19.93 21.51 -14.29
C ILE A 387 19.80 22.95 -14.79
N ARG A 388 18.57 23.40 -14.97
CA ARG A 388 18.25 24.71 -15.54
C ARG A 388 17.13 25.36 -14.75
N PRO A 389 16.97 26.68 -14.88
CA PRO A 389 15.79 27.33 -14.28
C PRO A 389 14.51 26.72 -14.81
N GLY A 390 13.50 26.64 -13.94
CA GLY A 390 12.23 26.05 -14.28
C GLY A 390 12.12 24.55 -14.08
N ASP A 391 13.22 23.89 -13.70
CA ASP A 391 13.19 22.44 -13.52
C ASP A 391 12.36 22.04 -12.30
N ILE A 392 11.69 20.89 -12.42
CA ILE A 392 11.14 20.18 -11.28
C ILE A 392 12.02 18.98 -11.05
N ILE A 393 12.65 18.93 -9.87
CA ILE A 393 13.63 17.90 -9.53
C ILE A 393 13.08 17.12 -8.34
N LEU A 394 12.98 15.80 -8.49
CA LEU A 394 12.51 14.92 -7.43
C LEU A 394 13.59 13.89 -7.14
N ALA A 395 13.90 13.68 -5.86
CA ALA A 395 14.94 12.76 -5.44
C ALA A 395 14.42 11.88 -4.30
N ASP A 396 14.62 10.57 -4.41
CA ASP A 396 14.12 9.64 -3.42
C ASP A 396 15.14 9.39 -2.31
N GLN A 397 14.62 8.89 -1.18
CA GLN A 397 15.48 8.52 -0.07
C GLN A 397 16.49 7.48 -0.51
N GLY A 398 17.73 7.65 -0.08
CA GLY A 398 18.84 6.91 -0.61
C GLY A 398 19.94 7.86 -0.99
N THR A 399 20.90 7.37 -1.77
CA THR A 399 21.96 8.23 -2.25
C THR A 399 21.42 9.34 -3.15
N SER A 400 20.24 9.15 -3.74
CA SER A 400 19.62 10.17 -4.59
C SER A 400 19.34 11.45 -3.81
N ALA A 401 18.50 11.36 -2.78
CA ALA A 401 18.20 12.55 -1.98
C ALA A 401 19.44 13.05 -1.25
N PHE A 402 20.26 12.13 -0.74
CA PHE A 402 21.41 12.52 0.06
C PHE A 402 22.55 13.08 -0.80
N GLY A 403 22.52 12.85 -2.11
CA GLY A 403 23.50 13.45 -2.98
C GLY A 403 22.98 14.72 -3.63
N ALA A 404 21.68 14.75 -3.91
CA ALA A 404 21.07 15.92 -4.53
C ALA A 404 21.14 17.15 -3.63
N ILE A 405 21.35 16.97 -2.32
CA ILE A 405 21.43 18.10 -1.41
C ILE A 405 22.58 19.04 -1.77
N ASP A 406 23.59 18.54 -2.48
CA ASP A 406 24.76 19.32 -2.88
C ASP A 406 24.56 20.08 -4.19
N LEU A 407 23.43 19.89 -4.87
CA LEU A 407 23.17 20.65 -6.08
C LEU A 407 22.94 22.13 -5.75
N ARG A 408 23.49 23.00 -6.59
CA ARG A 408 23.27 24.44 -6.48
C ARG A 408 22.15 24.79 -7.44
N LEU A 409 20.94 24.96 -6.91
CA LEU A 409 19.75 25.10 -7.73
C LEU A 409 19.64 26.51 -8.30
N PRO A 410 19.37 26.67 -9.59
CA PRO A 410 19.09 28.00 -10.14
C PRO A 410 17.69 28.47 -9.76
N ALA A 411 17.26 29.59 -10.32
CA ALA A 411 15.97 30.17 -9.98
C ALA A 411 14.82 29.32 -10.49
N ASP A 412 13.68 29.43 -9.80
CA ASP A 412 12.40 28.84 -10.23
C ASP A 412 12.48 27.32 -10.35
N VAL A 413 13.15 26.67 -9.40
CA VAL A 413 13.23 25.22 -9.36
C VAL A 413 12.32 24.71 -8.25
N ASN A 414 11.46 23.75 -8.59
CA ASN A 414 10.65 23.03 -7.61
C ASN A 414 11.39 21.73 -7.30
N PHE A 415 11.92 21.64 -6.08
CA PHE A 415 12.74 20.53 -5.63
C PHE A 415 11.91 19.71 -4.63
N ILE A 416 11.54 18.49 -5.01
CA ILE A 416 10.61 17.69 -4.23
C ILE A 416 11.36 16.52 -3.60
N VAL A 417 11.42 16.53 -2.27
CA VAL A 417 12.07 15.49 -1.50
C VAL A 417 11.23 15.25 -0.25
N GLN A 418 11.28 14.01 0.25
CA GLN A 418 10.42 13.57 1.36
C GLN A 418 11.28 12.91 2.44
N PRO A 419 12.15 13.69 3.10
CA PRO A 419 13.08 13.08 4.08
C PRO A 419 12.49 12.86 5.47
N LEU A 420 11.35 13.47 5.80
CA LEU A 420 10.76 13.20 7.10
C LEU A 420 10.00 11.88 7.10
N TRP A 421 9.02 11.74 6.21
CA TRP A 421 8.36 10.44 6.08
C TRP A 421 9.30 9.41 5.47
N GLY A 422 9.97 9.77 4.36
CA GLY A 422 11.02 8.93 3.81
C GLY A 422 10.60 7.59 3.24
N SER A 423 9.52 7.57 2.47
CA SER A 423 9.01 6.32 1.88
C SER A 423 9.61 6.17 0.49
N ILE A 424 10.46 5.16 0.30
CA ILE A 424 11.05 4.95 -1.03
C ILE A 424 9.97 4.44 -1.98
N GLY A 425 10.12 4.79 -3.26
CA GLY A 425 9.09 4.62 -4.25
C GLY A 425 8.24 5.85 -4.46
N TYR A 426 8.26 6.78 -3.50
CA TYR A 426 7.44 7.99 -3.61
C TYR A 426 7.83 8.79 -4.85
N THR A 427 9.12 8.91 -5.12
CA THR A 427 9.60 9.87 -6.11
C THR A 427 9.08 9.55 -7.51
N LEU A 428 9.16 8.28 -7.92
CA LEU A 428 8.72 7.90 -9.27
C LEU A 428 7.25 8.22 -9.49
N ALA A 429 6.40 7.87 -8.52
CA ALA A 429 4.97 8.12 -8.66
C ALA A 429 4.64 9.61 -8.49
N ALA A 430 5.31 10.29 -7.55
CA ALA A 430 5.09 11.72 -7.40
C ALA A 430 5.50 12.50 -8.64
N ALA A 431 6.51 12.00 -9.36
CA ALA A 431 6.92 12.65 -10.60
C ALA A 431 5.79 12.62 -11.62
N PHE A 432 5.08 11.49 -11.70
CA PHE A 432 3.90 11.41 -12.56
C PHE A 432 2.88 12.47 -12.18
N GLY A 433 2.67 12.68 -10.87
CA GLY A 433 1.77 13.73 -10.43
C GLY A 433 2.27 15.13 -10.73
N ALA A 434 3.56 15.38 -10.50
CA ALA A 434 4.12 16.70 -10.77
C ALA A 434 4.08 17.04 -12.25
N GLN A 435 4.43 16.08 -13.11
CA GLN A 435 4.37 16.31 -14.55
C GLN A 435 2.93 16.55 -15.00
N THR A 436 1.99 15.84 -14.40
CA THR A 436 0.57 16.09 -14.67
C THR A 436 0.19 17.52 -14.28
N ALA A 437 0.69 17.99 -13.13
CA ALA A 437 0.39 19.36 -12.71
C ALA A 437 1.04 20.38 -13.64
N CYS A 438 2.26 20.11 -14.10
CA CYS A 438 3.04 21.06 -14.88
C CYS A 438 3.50 20.41 -16.17
N PRO A 439 2.58 20.23 -17.13
CA PRO A 439 2.96 19.54 -18.38
C PRO A 439 3.98 20.31 -19.21
N ASN A 440 4.16 21.61 -18.97
CA ASN A 440 5.07 22.41 -19.76
C ASN A 440 6.42 22.62 -19.06
N ARG A 441 6.67 21.93 -17.96
CA ARG A 441 7.93 22.07 -17.25
C ARG A 441 8.73 20.77 -17.37
N ARG A 442 10.05 20.89 -17.31
CA ARG A 442 10.93 19.74 -17.40
C ARG A 442 11.06 19.07 -16.03
N VAL A 443 10.83 17.76 -15.99
CA VAL A 443 10.80 17.01 -14.75
C VAL A 443 11.97 16.03 -14.77
N ILE A 444 12.80 16.13 -13.74
CA ILE A 444 13.98 15.27 -13.58
C ILE A 444 13.74 14.40 -12.35
N VAL A 445 13.79 13.08 -12.56
CA VAL A 445 13.50 12.11 -11.52
C VAL A 445 14.80 11.42 -11.13
N LEU A 446 15.20 11.58 -9.87
CA LEU A 446 16.38 10.92 -9.32
C LEU A 446 15.89 9.84 -8.36
N THR A 447 15.94 8.58 -8.80
CA THR A 447 15.49 7.47 -7.98
C THR A 447 16.53 6.36 -7.98
N GLY A 448 16.68 5.71 -6.83
CA GLY A 448 17.50 4.52 -6.76
C GLY A 448 16.84 3.34 -7.44
N ASP A 449 17.65 2.31 -7.70
CA ASP A 449 17.09 1.07 -8.26
C ASP A 449 16.16 0.40 -7.27
N GLY A 450 16.53 0.39 -5.98
CA GLY A 450 15.62 -0.16 -4.98
C GLY A 450 14.30 0.58 -4.91
N ALA A 451 14.36 1.92 -4.86
CA ALA A 451 13.14 2.72 -4.71
C ALA A 451 12.20 2.55 -5.89
N ALA A 452 12.73 2.53 -7.11
CA ALA A 452 11.87 2.48 -8.29
C ALA A 452 11.09 1.17 -8.38
N GLN A 453 11.61 0.09 -7.79
CA GLN A 453 10.88 -1.18 -7.84
C GLN A 453 9.54 -1.10 -7.13
N LEU A 454 9.44 -0.26 -6.09
CA LEU A 454 8.22 -0.24 -5.29
C LEU A 454 7.04 0.35 -6.05
N THR A 455 7.28 1.23 -7.04
CA THR A 455 6.21 1.93 -7.71
C THR A 455 6.38 1.91 -9.23
N ILE A 456 7.04 0.89 -9.77
CA ILE A 456 7.46 0.91 -11.17
C ILE A 456 6.26 1.02 -12.12
N GLN A 457 5.09 0.53 -11.71
CA GLN A 457 3.98 0.49 -12.65
C GLN A 457 3.49 1.88 -13.04
N GLU A 458 3.82 2.92 -12.27
CA GLU A 458 3.37 4.26 -12.65
C GLU A 458 4.15 4.80 -13.84
N LEU A 459 5.31 4.22 -14.14
CA LEU A 459 5.97 4.53 -15.40
C LEU A 459 5.06 4.24 -16.58
N GLY A 460 4.25 3.18 -16.47
CA GLY A 460 3.24 2.93 -17.49
C GLY A 460 2.24 4.05 -17.62
N SER A 461 1.83 4.63 -16.49
CA SER A 461 0.95 5.80 -16.53
C SER A 461 1.64 6.98 -17.22
N MET A 462 2.92 7.17 -16.91
CA MET A 462 3.72 8.19 -17.59
C MET A 462 3.67 7.99 -19.11
N LEU A 463 3.91 6.76 -19.56
CA LEU A 463 3.94 6.47 -20.99
C LEU A 463 2.56 6.62 -21.62
N ARG A 464 1.52 6.19 -20.90
CA ARG A 464 0.17 6.31 -21.43
C ARG A 464 -0.21 7.77 -21.69
N ASP A 465 0.22 8.67 -20.81
CA ASP A 465 -0.11 10.08 -20.91
C ASP A 465 0.93 10.88 -21.70
N LYS A 466 1.89 10.20 -22.32
CA LYS A 466 2.89 10.83 -23.21
C LYS A 466 3.71 11.89 -22.49
N GLN A 467 4.00 11.65 -21.21
CA GLN A 467 4.89 12.52 -20.47
C GLN A 467 6.33 12.32 -20.90
N HIS A 468 7.15 13.35 -20.72
CA HIS A 468 8.57 13.30 -21.09
C HIS A 468 9.48 13.69 -19.93
N PRO A 469 9.42 12.97 -18.81
CA PRO A 469 10.39 13.20 -17.73
C PRO A 469 11.75 12.63 -18.08
N ILE A 470 12.75 13.09 -17.35
CA ILE A 470 14.10 12.55 -17.44
C ILE A 470 14.31 11.72 -16.18
N ILE A 471 14.29 10.40 -16.32
CA ILE A 471 14.37 9.47 -15.19
C ILE A 471 15.78 8.92 -15.11
N LEU A 472 16.48 9.23 -14.03
CA LEU A 472 17.83 8.70 -13.78
C LEU A 472 17.72 7.65 -12.68
N VAL A 473 17.99 6.40 -13.04
CA VAL A 473 17.96 5.29 -12.09
C VAL A 473 19.39 5.03 -11.65
N LEU A 474 19.65 5.25 -10.36
CA LEU A 474 20.98 5.02 -9.78
C LEU A 474 21.10 3.52 -9.50
N ASN A 475 21.68 2.80 -10.48
CA ASN A 475 21.80 1.35 -10.39
C ASN A 475 23.09 1.04 -9.67
N ASN A 476 23.00 0.89 -8.34
CA ASN A 476 24.12 0.40 -7.56
C ASN A 476 23.90 -1.03 -7.08
N GLU A 477 22.92 -1.73 -7.66
CA GLU A 477 22.63 -3.14 -7.38
C GLU A 477 22.36 -3.38 -5.89
N GLY A 478 21.35 -2.68 -5.37
CA GLY A 478 20.86 -2.96 -4.04
C GLY A 478 20.62 -1.68 -3.27
N TYR A 479 20.46 -1.84 -1.95
CA TYR A 479 20.19 -0.74 -1.03
C TYR A 479 21.49 -0.26 -0.40
N THR A 480 22.22 0.60 -1.10
CA THR A 480 23.54 1.00 -0.58
C THR A 480 23.42 1.87 0.66
N VAL A 481 22.35 2.64 0.81
CA VAL A 481 22.16 3.40 2.04
C VAL A 481 22.07 2.44 3.22
N LEU A 482 21.29 1.37 3.07
CA LEU A 482 21.23 0.33 4.12
C LEU A 482 22.59 -0.35 4.28
N ARG A 483 23.32 -0.55 3.17
CA ARG A 483 24.64 -1.17 3.24
C ARG A 483 25.60 -0.29 4.04
N ALA A 484 25.57 1.02 3.79
CA ALA A 484 26.35 1.96 4.59
C ALA A 484 25.97 1.91 6.06
N ILE A 485 24.67 1.79 6.35
CA ILE A 485 24.21 1.72 7.74
C ILE A 485 24.68 0.44 8.41
N HIS A 486 24.31 -0.72 7.85
CA HIS A 486 24.57 -1.98 8.53
C HIS A 486 24.47 -3.15 7.55
N GLY A 487 25.44 -4.06 7.63
CA GLY A 487 25.46 -5.28 6.85
C GLY A 487 25.69 -5.08 5.37
N PRO A 488 26.85 -4.50 5.00
CA PRO A 488 27.11 -4.24 3.56
C PRO A 488 27.07 -5.49 2.70
N GLU A 489 27.54 -6.63 3.23
CA GLU A 489 27.56 -7.88 2.48
C GLU A 489 26.37 -8.77 2.81
N GLN A 490 25.39 -8.29 3.56
CA GLN A 490 24.23 -9.10 3.89
C GLN A 490 23.24 -9.15 2.74
N ARG A 491 22.65 -10.32 2.54
CA ARG A 491 21.77 -10.58 1.41
C ARG A 491 20.46 -9.79 1.47
N TYR A 492 20.02 -9.35 2.65
CA TYR A 492 18.79 -8.55 2.70
C TYR A 492 18.98 -7.16 2.10
N ASN A 493 20.22 -6.72 1.90
CA ASN A 493 20.50 -5.46 1.22
C ASN A 493 20.60 -5.62 -0.29
N ASP A 494 20.47 -6.84 -0.80
CA ASP A 494 20.39 -7.09 -2.24
C ASP A 494 18.96 -6.95 -2.73
N ILE A 495 18.82 -6.72 -4.03
CA ILE A 495 17.52 -6.65 -4.71
C ILE A 495 17.58 -7.52 -5.95
N ALA A 496 16.40 -7.89 -6.45
CA ALA A 496 16.32 -8.49 -7.79
C ALA A 496 16.88 -7.52 -8.82
N LEU A 497 17.70 -8.02 -9.73
CA LEU A 497 18.39 -7.18 -10.72
C LEU A 497 17.51 -7.06 -11.96
N TRP A 498 16.98 -5.87 -12.21
CA TRP A 498 16.08 -5.63 -13.33
C TRP A 498 16.85 -5.16 -14.55
N ASN A 499 16.19 -5.25 -15.70
CA ASN A 499 16.73 -4.77 -16.98
C ASN A 499 16.08 -3.42 -17.29
N TRP A 500 16.64 -2.36 -16.69
CA TRP A 500 15.94 -1.09 -16.60
C TRP A 500 15.63 -0.48 -17.96
N THR A 501 16.59 -0.57 -18.90
CA THR A 501 16.39 0.06 -20.21
C THR A 501 15.30 -0.63 -21.02
N GLN A 502 14.81 -1.78 -20.59
CA GLN A 502 13.77 -2.51 -21.30
C GLN A 502 12.40 -2.35 -20.67
N ILE A 503 12.27 -1.62 -19.57
CA ILE A 503 11.00 -1.49 -18.87
C ILE A 503 9.99 -0.65 -19.66
N PRO A 504 10.38 0.48 -20.27
CA PRO A 504 9.37 1.24 -21.05
C PRO A 504 8.72 0.42 -22.16
N GLN A 505 9.47 -0.42 -22.86
CA GLN A 505 8.88 -1.18 -23.96
C GLN A 505 8.01 -2.33 -23.45
N ALA A 506 8.13 -2.70 -22.18
CA ALA A 506 7.25 -3.70 -21.60
C ALA A 506 5.97 -3.10 -21.04
N LEU A 507 6.02 -1.85 -20.59
CA LEU A 507 4.87 -1.20 -19.95
C LEU A 507 4.07 -0.32 -20.90
N SER A 508 4.36 -0.39 -22.20
CA SER A 508 3.60 0.37 -23.18
C SER A 508 3.70 -0.34 -24.53
N LEU A 509 2.62 -0.30 -25.30
CA LEU A 509 2.61 -0.93 -26.61
C LEU A 509 3.38 -0.15 -27.66
N ASP A 510 3.64 1.12 -27.40
CA ASP A 510 4.37 2.00 -28.31
C ASP A 510 4.97 3.11 -27.46
N PRO A 511 6.03 2.83 -26.75
CA PRO A 511 6.50 3.91 -25.89
C PRO A 511 7.14 5.10 -26.58
N GLN A 512 6.89 6.30 -26.09
CA GLN A 512 7.53 7.48 -26.66
C GLN A 512 8.72 7.65 -25.76
N ALA A 513 9.76 6.85 -25.92
CA ALA A 513 10.84 6.90 -24.99
C ALA A 513 12.14 6.41 -25.49
N GLN A 514 13.20 6.87 -24.88
CA GLN A 514 14.52 6.43 -25.20
C GLN A 514 15.22 6.11 -23.93
N CYS A 515 15.93 5.00 -23.91
CA CYS A 515 16.68 4.59 -22.75
C CYS A 515 18.14 4.39 -23.07
N TRP A 516 18.96 4.63 -22.10
CA TRP A 516 20.38 4.49 -22.20
C TRP A 516 20.91 3.89 -20.91
N ARG A 517 22.01 3.20 -21.00
CA ARG A 517 22.78 2.70 -19.88
C ARG A 517 24.18 3.31 -19.92
N VAL A 518 24.60 3.93 -18.83
CA VAL A 518 25.87 4.64 -18.79
C VAL A 518 26.69 4.14 -17.60
N SER A 519 28.00 4.00 -17.81
CA SER A 519 28.92 3.63 -16.74
C SER A 519 30.08 4.60 -16.59
N GLU A 520 30.23 5.58 -17.47
CA GLU A 520 31.33 6.53 -17.44
C GLU A 520 30.77 7.95 -17.39
N ALA A 521 31.52 8.84 -16.75
CA ALA A 521 31.06 10.22 -16.58
C ALA A 521 30.86 10.89 -17.94
N GLU A 522 31.79 10.66 -18.87
CA GLU A 522 31.66 11.25 -20.21
C GLU A 522 30.40 10.75 -20.92
N GLN A 523 30.08 9.46 -20.80
CA GLN A 523 28.86 8.95 -21.41
C GLN A 523 27.63 9.63 -20.83
N LEU A 524 27.59 9.82 -19.51
CA LEU A 524 26.45 10.49 -18.89
C LEU A 524 26.29 11.91 -19.42
N ALA A 525 27.37 12.67 -19.45
CA ALA A 525 27.30 14.05 -19.96
C ALA A 525 26.84 14.06 -21.41
N ASP A 526 27.33 13.12 -22.21
CA ASP A 526 26.89 12.97 -23.59
C ASP A 526 25.41 12.63 -23.67
N VAL A 527 24.94 11.70 -22.83
CA VAL A 527 23.53 11.31 -22.86
C VAL A 527 22.65 12.45 -22.36
N LEU A 528 23.09 13.17 -21.32
CA LEU A 528 22.33 14.32 -20.85
C LEU A 528 22.25 15.40 -21.92
N GLU A 529 23.31 15.54 -22.72
CA GLU A 529 23.29 16.45 -23.87
C GLU A 529 22.15 16.11 -24.82
N LYS A 530 21.98 14.82 -25.12
CA LYS A 530 20.99 14.39 -26.09
C LYS A 530 19.56 14.64 -25.61
N VAL A 531 19.29 14.47 -24.31
CA VAL A 531 17.93 14.51 -23.78
C VAL A 531 17.55 15.90 -23.27
N ALA A 532 18.33 16.93 -23.65
CA ALA A 532 18.25 18.22 -22.96
C ALA A 532 16.83 18.80 -22.95
N HIS A 533 16.14 18.75 -24.09
CA HIS A 533 14.85 19.43 -24.22
C HIS A 533 13.65 18.49 -24.05
N HIS A 534 13.83 17.37 -23.35
CA HIS A 534 12.76 16.43 -22.98
C HIS A 534 11.79 16.25 -24.14
N GLU A 535 12.33 15.79 -25.23
CA GLU A 535 11.65 15.50 -26.45
C GLU A 535 10.76 14.28 -26.26
N ARG A 536 11.25 13.34 -25.45
CA ARG A 536 10.57 12.11 -25.10
C ARG A 536 10.93 11.64 -23.69
N LEU A 537 10.20 10.69 -23.13
CA LEU A 537 10.57 10.17 -21.82
C LEU A 537 11.95 9.56 -21.90
N SER A 538 12.82 9.86 -20.96
CA SER A 538 14.21 9.40 -20.96
C SER A 538 14.46 8.61 -19.70
N LEU A 539 15.00 7.41 -19.85
CA LEU A 539 15.35 6.55 -18.74
C LEU A 539 16.84 6.29 -18.86
N ILE A 540 17.62 6.83 -17.93
CA ILE A 540 19.06 6.69 -17.92
C ILE A 540 19.43 5.78 -16.74
N GLU A 541 19.93 4.59 -17.05
CA GLU A 541 20.37 3.66 -16.03
C GLU A 541 21.83 3.99 -15.70
N VAL A 542 22.06 4.56 -14.52
CA VAL A 542 23.37 5.03 -14.11
C VAL A 542 24.02 3.94 -13.25
N MET A 543 25.15 3.42 -13.71
CA MET A 543 25.85 2.35 -12.99
C MET A 543 26.84 2.95 -12.02
N LEU A 544 26.66 2.68 -10.73
CA LEU A 544 27.48 3.23 -9.67
C LEU A 544 27.95 2.11 -8.75
N PRO A 545 29.09 2.30 -8.07
CA PRO A 545 29.61 1.24 -7.21
C PRO A 545 28.70 0.96 -6.02
N LYS A 546 28.74 -0.30 -5.57
CA LYS A 546 27.87 -0.76 -4.50
C LYS A 546 28.10 0.01 -3.21
N ALA A 547 29.35 0.36 -2.91
CA ALA A 547 29.69 1.01 -1.65
C ALA A 547 29.84 2.51 -1.75
N ASP A 548 29.60 3.11 -2.92
CA ASP A 548 29.85 4.53 -3.11
C ASP A 548 28.76 5.37 -2.45
N ILE A 549 29.17 6.37 -1.68
CA ILE A 549 28.27 7.11 -0.79
C ILE A 549 28.45 8.62 -1.01
N PRO A 550 27.37 9.40 -1.04
CA PRO A 550 27.52 10.88 -1.10
C PRO A 550 27.96 11.44 0.25
N PRO A 551 28.56 12.64 0.26
CA PRO A 551 29.15 13.16 1.50
C PRO A 551 28.19 13.28 2.67
N LEU A 552 26.93 13.67 2.44
CA LEU A 552 26.00 13.84 3.56
C LEU A 552 25.76 12.52 4.27
N LEU A 553 25.64 11.44 3.51
CA LEU A 553 25.34 10.15 4.12
C LEU A 553 26.53 9.61 4.90
N GLY A 554 27.71 10.05 4.56
CA GLY A 554 28.86 9.63 5.31
C GLY A 554 28.80 10.25 6.69
N ALA A 555 28.39 11.50 6.77
CA ALA A 555 28.29 12.15 8.06
C ALA A 555 27.18 11.54 8.88
N ILE A 556 26.08 11.21 8.24
CA ILE A 556 25.01 10.62 8.96
C ILE A 556 25.41 9.31 9.59
N THR A 557 26.11 8.45 8.86
CA THR A 557 26.53 7.18 9.41
C THR A 557 27.52 7.38 10.53
N LYS A 558 28.39 8.36 10.41
CA LYS A 558 29.31 8.67 11.51
C LYS A 558 28.56 9.07 12.77
N ALA A 559 27.49 9.86 12.63
CA ALA A 559 26.68 10.29 13.76
C ALA A 559 25.97 9.11 14.40
N LEU A 560 25.57 8.14 13.60
CA LEU A 560 24.93 6.92 14.07
C LEU A 560 25.80 6.14 15.07
N GLU A 561 27.11 6.16 14.92
CA GLU A 561 27.99 5.54 15.89
C GLU A 561 27.90 6.36 17.18
N ALA A 562 26.99 5.98 18.08
CA ALA A 562 26.75 6.67 19.32
C ALA A 562 26.14 5.72 20.36
N THR B 17 27.15 -13.21 19.82
CA THR B 17 25.78 -13.47 19.40
C THR B 17 25.00 -14.30 20.44
N PRO B 18 24.87 -13.79 21.66
CA PRO B 18 24.09 -14.52 22.67
C PRO B 18 22.61 -14.58 22.29
N TYR B 19 21.96 -15.67 22.70
CA TYR B 19 20.54 -15.85 22.43
C TYR B 19 19.75 -14.67 22.99
N CYS B 20 18.88 -14.10 22.18
CA CYS B 20 18.19 -12.89 22.55
C CYS B 20 16.74 -12.95 22.07
N VAL B 21 16.02 -11.86 22.33
CA VAL B 21 14.59 -11.78 22.03
C VAL B 21 14.34 -12.02 20.55
N ALA B 22 15.20 -11.48 19.68
CA ALA B 22 15.08 -11.72 18.25
C ALA B 22 15.09 -13.21 17.93
N ASP B 23 15.99 -13.97 18.56
CA ASP B 23 16.03 -15.41 18.33
C ASP B 23 14.81 -16.11 18.90
N TYR B 24 14.32 -15.65 20.05
CA TYR B 24 13.15 -16.25 20.65
C TYR B 24 11.95 -16.12 19.72
N LEU B 25 11.75 -14.94 19.13
CA LEU B 25 10.64 -14.74 18.21
C LEU B 25 10.76 -15.65 17.00
N LEU B 26 11.97 -15.79 16.44
CA LEU B 26 12.15 -16.68 15.30
C LEU B 26 11.89 -18.12 15.68
N ASP B 27 12.33 -18.53 16.88
CA ASP B 27 12.07 -19.89 17.35
C ASP B 27 10.57 -20.14 17.46
N ARG B 28 9.83 -19.19 18.05
CA ARG B 28 8.38 -19.35 18.17
C ARG B 28 7.71 -19.30 16.80
N LEU B 29 8.23 -18.46 15.91
CA LEU B 29 7.67 -18.36 14.56
C LEU B 29 7.77 -19.68 13.81
N THR B 30 8.92 -20.34 13.88
CA THR B 30 9.06 -21.62 13.20
C THR B 30 8.19 -22.68 13.84
N ASP B 31 7.99 -22.62 15.17
CA ASP B 31 7.07 -23.54 15.83
C ASP B 31 5.68 -23.45 15.24
N CYS B 32 5.22 -22.23 14.91
CA CYS B 32 3.88 -22.02 14.40
C CYS B 32 3.71 -22.46 12.96
N GLY B 33 4.79 -22.80 12.26
CA GLY B 33 4.72 -23.37 10.93
C GLY B 33 5.29 -22.53 9.81
N ALA B 34 5.93 -21.41 10.10
CA ALA B 34 6.52 -20.56 9.07
C ALA B 34 8.00 -20.86 8.93
N ASP B 35 8.44 -21.13 7.71
CA ASP B 35 9.85 -21.35 7.41
C ASP B 35 10.47 -20.20 6.64
N HIS B 36 9.68 -19.19 6.30
CA HIS B 36 10.15 -18.03 5.56
C HIS B 36 9.60 -16.77 6.20
N LEU B 37 10.31 -15.66 6.00
CA LEU B 37 9.88 -14.34 6.45
C LEU B 37 9.94 -13.40 5.25
N PHE B 38 8.79 -12.87 4.86
CA PHE B 38 8.69 -11.93 3.76
C PHE B 38 8.78 -10.51 4.28
N GLY B 39 9.28 -9.60 3.43
CA GLY B 39 9.21 -8.20 3.80
C GLY B 39 10.21 -7.36 3.04
N VAL B 40 10.42 -6.16 3.57
CA VAL B 40 11.33 -5.17 3.01
C VAL B 40 12.18 -4.63 4.15
N PRO B 41 13.50 -4.55 3.99
CA PRO B 41 14.36 -4.10 5.08
C PRO B 41 14.29 -2.60 5.30
N GLY B 42 14.70 -2.20 6.50
CA GLY B 42 14.86 -0.80 6.83
C GLY B 42 15.87 -0.68 7.94
N ASP B 43 16.36 0.55 8.15
CA ASP B 43 17.39 0.74 9.17
C ASP B 43 16.88 0.35 10.56
N TYR B 44 15.57 0.45 10.78
CA TYR B 44 15.01 0.06 12.07
C TYR B 44 14.95 -1.45 12.28
N ASN B 45 15.15 -2.27 11.24
CA ASN B 45 15.08 -3.72 11.41
C ASN B 45 16.28 -4.48 10.86
N LEU B 46 17.36 -3.79 10.49
CA LEU B 46 18.51 -4.49 9.91
C LEU B 46 19.13 -5.46 10.91
N GLN B 47 19.28 -5.04 12.17
CA GLN B 47 19.92 -5.90 13.16
C GLN B 47 19.07 -7.13 13.46
N PHE B 48 17.75 -6.98 13.46
CA PHE B 48 16.88 -8.15 13.57
C PHE B 48 17.10 -9.10 12.38
N LEU B 49 17.28 -8.53 11.18
CA LEU B 49 17.44 -9.36 9.98
C LEU B 49 18.70 -10.21 10.03
N ASP B 50 19.74 -9.75 10.74
CA ASP B 50 20.92 -10.59 10.95
C ASP B 50 20.55 -11.92 11.57
N HIS B 51 19.64 -11.91 12.55
CA HIS B 51 19.24 -13.15 13.18
C HIS B 51 18.39 -13.99 12.23
N VAL B 52 17.62 -13.34 11.36
CA VAL B 52 16.88 -14.08 10.34
C VAL B 52 17.84 -14.76 9.37
N ILE B 53 18.86 -14.03 8.93
CA ILE B 53 19.87 -14.58 8.04
C ILE B 53 20.60 -15.74 8.71
N ASP B 54 20.99 -15.54 9.98
CA ASP B 54 21.80 -16.54 10.68
C ASP B 54 21.00 -17.76 11.09
N SER B 55 19.68 -17.66 11.19
CA SER B 55 18.89 -18.79 11.66
C SER B 55 18.90 -19.91 10.62
N PRO B 56 19.06 -21.17 11.05
CA PRO B 56 18.92 -22.28 10.10
C PRO B 56 17.49 -22.68 9.83
N ASP B 57 16.51 -22.09 10.52
CA ASP B 57 15.12 -22.52 10.41
C ASP B 57 14.23 -21.57 9.63
N ILE B 58 14.64 -20.32 9.46
CA ILE B 58 13.82 -19.31 8.78
C ILE B 58 14.63 -18.73 7.63
N CYS B 59 14.00 -18.60 6.48
CA CYS B 59 14.64 -18.06 5.27
C CYS B 59 14.07 -16.68 4.98
N TRP B 60 14.94 -15.68 4.87
CA TRP B 60 14.49 -14.34 4.50
C TRP B 60 14.10 -14.32 3.02
N VAL B 61 12.97 -13.69 2.73
CA VAL B 61 12.49 -13.52 1.35
C VAL B 61 12.21 -12.03 1.18
N GLY B 62 13.19 -11.30 0.65
CA GLY B 62 12.97 -9.89 0.35
C GLY B 62 12.00 -9.72 -0.81
N CYS B 63 11.08 -8.77 -0.66
CA CYS B 63 10.06 -8.53 -1.66
C CYS B 63 10.26 -7.17 -2.31
N ALA B 64 9.51 -6.92 -3.39
CA ALA B 64 9.70 -5.69 -4.15
C ALA B 64 8.98 -4.51 -3.50
N ASN B 65 7.90 -4.73 -2.75
CA ASN B 65 7.34 -3.71 -1.86
C ASN B 65 6.53 -4.40 -0.76
N GLU B 66 6.18 -3.61 0.26
CA GLU B 66 5.57 -4.20 1.45
C GLU B 66 4.17 -4.75 1.19
N LEU B 67 3.40 -4.07 0.33
CA LEU B 67 2.06 -4.57 0.02
C LEU B 67 2.14 -5.96 -0.61
N ASN B 68 3.04 -6.13 -1.58
CA ASN B 68 3.22 -7.44 -2.21
C ASN B 68 3.72 -8.45 -1.18
N ALA B 69 4.61 -8.01 -0.28
CA ALA B 69 5.10 -8.89 0.77
C ALA B 69 3.96 -9.39 1.65
N SER B 70 3.00 -8.51 1.97
CA SER B 70 1.87 -8.95 2.80
C SER B 70 0.95 -9.88 2.03
N TYR B 71 0.75 -9.62 0.74
CA TYR B 71 -0.01 -10.56 -0.10
C TYR B 71 0.70 -11.91 -0.17
N ALA B 72 2.01 -11.90 -0.35
CA ALA B 72 2.77 -13.15 -0.45
C ALA B 72 2.68 -13.93 0.84
N ALA B 73 2.78 -13.24 1.98
CA ALA B 73 2.63 -13.91 3.27
C ALA B 73 1.25 -14.56 3.40
N ASP B 74 0.21 -13.87 2.95
CA ASP B 74 -1.13 -14.42 2.96
C ASP B 74 -1.19 -15.73 2.16
N GLY B 75 -0.71 -15.71 0.92
CA GLY B 75 -0.72 -16.91 0.10
C GLY B 75 0.13 -18.01 0.69
N TYR B 76 1.28 -17.64 1.26
CA TYR B 76 2.10 -18.60 1.99
C TYR B 76 1.30 -19.26 3.10
N ALA B 77 0.60 -18.46 3.90
CA ALA B 77 -0.15 -19.00 5.03
C ALA B 77 -1.30 -19.89 4.58
N ARG B 78 -1.88 -19.62 3.40
CA ARG B 78 -2.90 -20.51 2.86
C ARG B 78 -2.32 -21.84 2.39
N CYS B 79 -0.99 -21.97 2.36
CA CYS B 79 -0.34 -23.23 2.02
C CYS B 79 0.28 -23.93 3.22
N LYS B 80 0.82 -23.18 4.18
CA LYS B 80 1.48 -23.78 5.33
C LYS B 80 0.73 -23.59 6.64
N GLY B 81 -0.35 -22.83 6.66
CA GLY B 81 -1.12 -22.61 7.88
C GLY B 81 -0.66 -21.45 8.73
N PHE B 82 0.39 -20.75 8.33
CA PHE B 82 0.97 -19.66 9.11
C PHE B 82 1.99 -18.94 8.24
N ALA B 83 2.15 -17.64 8.49
CA ALA B 83 3.14 -16.86 7.76
C ALA B 83 3.54 -15.66 8.59
N ALA B 84 4.64 -15.03 8.18
CA ALA B 84 5.15 -13.86 8.88
C ALA B 84 5.62 -12.82 7.87
N LEU B 85 5.39 -11.55 8.21
CA LEU B 85 5.77 -10.41 7.41
C LEU B 85 6.61 -9.48 8.28
N LEU B 86 7.69 -8.95 7.72
CA LEU B 86 8.53 -7.99 8.43
C LEU B 86 8.56 -6.68 7.65
N THR B 87 8.18 -5.58 8.29
CA THR B 87 8.27 -4.27 7.67
C THR B 87 9.01 -3.32 8.61
N THR B 88 9.32 -2.14 8.09
CA THR B 88 9.95 -1.12 8.92
C THR B 88 8.88 -0.16 9.44
N PHE B 89 9.18 0.44 10.59
CA PHE B 89 8.26 1.34 11.28
C PHE B 89 7.76 2.42 10.34
N GLY B 90 6.45 2.63 10.33
CA GLY B 90 5.88 3.75 9.59
C GLY B 90 5.63 3.44 8.13
N VAL B 91 6.62 3.73 7.28
CA VAL B 91 6.45 3.60 5.83
C VAL B 91 6.24 2.15 5.42
N GLY B 92 6.89 1.21 6.12
CA GLY B 92 6.73 -0.20 5.75
C GLY B 92 5.39 -0.74 6.18
N GLU B 93 5.05 -0.60 7.48
CA GLU B 93 3.85 -1.21 8.01
C GLU B 93 2.60 -0.61 7.38
N LEU B 94 2.57 0.70 7.15
CA LEU B 94 1.38 1.29 6.53
C LEU B 94 1.22 0.84 5.09
N SER B 95 2.33 0.59 4.39
CA SER B 95 2.23 0.05 3.04
C SER B 95 1.59 -1.34 3.03
N ALA B 96 1.76 -2.11 4.11
CA ALA B 96 1.24 -3.46 4.20
C ALA B 96 -0.18 -3.53 4.73
N MET B 97 -0.80 -2.37 5.04
CA MET B 97 -2.07 -2.35 5.75
C MET B 97 -3.16 -3.09 5.00
N ASN B 98 -3.25 -2.89 3.68
CA ASN B 98 -4.30 -3.56 2.92
C ASN B 98 -4.11 -5.08 2.90
N GLY B 99 -2.87 -5.56 2.90
CA GLY B 99 -2.65 -6.99 2.95
C GLY B 99 -3.09 -7.61 4.29
N ILE B 100 -2.71 -6.97 5.40
CA ILE B 100 -3.11 -7.47 6.71
C ILE B 100 -4.62 -7.45 6.87
N ALA B 101 -5.27 -6.40 6.37
CA ALA B 101 -6.72 -6.33 6.46
C ALA B 101 -7.38 -7.47 5.68
N GLY B 102 -6.85 -7.79 4.50
CA GLY B 102 -7.37 -8.94 3.76
C GLY B 102 -7.18 -10.24 4.50
N SER B 103 -6.03 -10.39 5.17
CA SER B 103 -5.81 -11.59 5.98
C SER B 103 -6.79 -11.67 7.14
N TYR B 104 -7.07 -10.54 7.78
CA TYR B 104 -8.09 -10.54 8.84
C TYR B 104 -9.47 -10.87 8.28
N ALA B 105 -9.84 -10.27 7.15
CA ALA B 105 -11.17 -10.49 6.59
C ALA B 105 -11.38 -11.95 6.23
N GLU B 106 -10.36 -12.61 5.69
CA GLU B 106 -10.49 -13.98 5.21
C GLU B 106 -9.84 -14.98 6.16
N HIS B 107 -9.51 -14.57 7.39
CA HIS B 107 -9.04 -15.46 8.44
C HIS B 107 -7.75 -16.19 8.02
N VAL B 108 -6.72 -15.41 7.77
CA VAL B 108 -5.41 -15.94 7.38
C VAL B 108 -4.41 -15.54 8.47
N PRO B 109 -3.75 -16.50 9.13
CA PRO B 109 -2.82 -16.15 10.22
C PRO B 109 -1.46 -15.65 9.74
N VAL B 110 -1.37 -14.34 9.49
CA VAL B 110 -0.12 -13.69 9.10
C VAL B 110 0.39 -12.84 10.25
N LEU B 111 1.63 -13.06 10.68
CA LEU B 111 2.22 -12.28 11.75
C LEU B 111 2.94 -11.07 11.16
N HIS B 112 2.57 -9.88 11.61
CA HIS B 112 3.17 -8.63 11.15
C HIS B 112 4.18 -8.19 12.21
N ILE B 113 5.46 -8.31 11.88
CA ILE B 113 6.55 -7.84 12.74
C ILE B 113 6.99 -6.49 12.20
N VAL B 114 6.99 -5.47 13.06
CA VAL B 114 7.36 -4.13 12.68
C VAL B 114 8.66 -3.78 13.41
N GLY B 115 9.74 -3.56 12.65
CA GLY B 115 10.97 -3.08 13.24
C GLY B 115 10.85 -1.59 13.55
N ALA B 116 11.14 -1.22 14.78
CA ALA B 116 10.86 0.11 15.30
C ALA B 116 12.12 0.72 15.89
N PRO B 117 12.19 2.05 15.97
CA PRO B 117 13.33 2.70 16.63
C PRO B 117 13.44 2.29 18.09
N GLY B 118 14.63 2.47 18.64
CA GLY B 118 14.87 2.08 20.02
C GLY B 118 13.97 2.80 20.99
N THR B 119 13.69 2.13 22.11
CA THR B 119 12.75 2.66 23.10
C THR B 119 13.20 4.02 23.61
N ALA B 120 14.50 4.22 23.83
CA ALA B 120 14.98 5.52 24.29
C ALA B 120 14.63 6.62 23.30
N SER B 121 14.85 6.38 22.00
CA SER B 121 14.50 7.36 20.98
C SER B 121 13.01 7.65 21.00
N GLN B 122 12.19 6.60 21.17
CA GLN B 122 10.75 6.79 21.24
C GLN B 122 10.35 7.62 22.46
N GLN B 123 10.93 7.30 23.61
CA GLN B 123 10.53 7.98 24.84
C GLN B 123 10.90 9.45 24.82
N ARG B 124 11.96 9.82 24.09
CA ARG B 124 12.34 11.22 23.96
C ARG B 124 11.52 11.97 22.93
N GLY B 125 10.65 11.30 22.19
CA GLY B 125 9.83 11.97 21.19
C GLY B 125 10.65 12.64 20.11
N GLU B 126 11.71 11.99 19.64
CA GLU B 126 12.58 12.60 18.65
C GLU B 126 11.88 12.70 17.30
N LEU B 127 12.30 13.69 16.51
CA LEU B 127 11.76 13.89 15.16
C LEU B 127 12.51 12.96 14.20
N LEU B 128 12.13 11.68 14.25
CA LEU B 128 12.79 10.65 13.46
C LEU B 128 12.08 10.45 12.12
N HIS B 129 12.85 9.96 11.14
CA HIS B 129 12.27 9.58 9.86
C HIS B 129 11.29 8.43 10.04
N HIS B 130 10.29 8.37 9.15
CA HIS B 130 9.17 7.44 9.20
C HIS B 130 8.20 7.75 10.34
N THR B 131 8.18 8.99 10.85
CA THR B 131 7.18 9.44 11.79
C THR B 131 6.39 10.60 11.20
N LEU B 132 5.31 10.98 11.89
CA LEU B 132 4.52 12.13 11.46
C LEU B 132 5.13 13.46 11.90
N GLY B 133 6.33 13.44 12.48
CA GLY B 133 6.97 14.66 12.91
C GLY B 133 6.44 15.24 14.19
N ASP B 134 5.63 14.49 14.95
CA ASP B 134 5.04 14.96 16.18
C ASP B 134 5.61 14.28 17.43
N GLY B 135 6.58 13.39 17.26
CA GLY B 135 7.15 12.69 18.39
C GLY B 135 6.33 11.55 18.93
N GLU B 136 5.24 11.18 18.25
CA GLU B 136 4.37 10.09 18.66
C GLU B 136 4.77 8.81 17.95
N PHE B 137 4.93 7.72 18.70
CA PHE B 137 5.40 6.47 18.10
C PHE B 137 4.38 5.34 18.19
N ARG B 138 3.13 5.64 18.54
CA ARG B 138 2.12 4.60 18.67
C ARG B 138 0.92 4.81 17.75
N HIS B 139 0.96 5.81 16.87
CA HIS B 139 -0.13 6.01 15.92
C HIS B 139 -0.39 4.74 15.11
N PHE B 140 0.67 4.17 14.53
CA PHE B 140 0.49 3.08 13.58
C PHE B 140 0.16 1.78 14.29
N TYR B 141 0.63 1.60 15.53
CA TYR B 141 0.19 0.46 16.34
C TYR B 141 -1.32 0.47 16.50
N HIS B 142 -1.88 1.62 16.92
CA HIS B 142 -3.32 1.69 17.14
C HIS B 142 -4.09 1.54 15.84
N MET B 143 -3.57 2.08 14.74
CA MET B 143 -4.24 1.94 13.44
C MET B 143 -4.36 0.48 13.02
N SER B 144 -3.46 -0.39 13.51
CA SER B 144 -3.52 -1.81 13.17
C SER B 144 -4.51 -2.59 14.02
N GLU B 145 -5.01 -2.03 15.12
CA GLU B 145 -5.90 -2.75 16.02
C GLU B 145 -7.13 -3.36 15.35
N PRO B 146 -7.87 -2.65 14.48
CA PRO B 146 -9.08 -3.24 13.90
C PRO B 146 -8.82 -4.41 12.95
N ILE B 147 -7.58 -4.63 12.49
CA ILE B 147 -7.32 -5.68 11.53
C ILE B 147 -6.39 -6.76 12.09
N THR B 148 -6.31 -6.89 13.41
CA THR B 148 -5.54 -7.96 14.05
C THR B 148 -6.33 -8.49 15.24
N VAL B 149 -6.16 -9.78 15.55
CA VAL B 149 -6.80 -10.33 16.75
C VAL B 149 -5.96 -10.09 18.00
N ALA B 150 -4.69 -9.73 17.83
CA ALA B 150 -3.83 -9.52 18.98
C ALA B 150 -2.62 -8.72 18.53
N GLN B 151 -2.13 -7.87 19.43
CA GLN B 151 -0.94 -7.09 19.13
C GLN B 151 -0.22 -6.79 20.43
N ALA B 152 1.05 -6.41 20.30
CA ALA B 152 1.82 -6.07 21.47
C ALA B 152 2.94 -5.12 21.07
N ILE B 153 3.31 -4.25 21.99
CA ILE B 153 4.56 -3.50 21.91
C ILE B 153 5.54 -4.24 22.80
N LEU B 154 6.55 -4.83 22.19
CA LEU B 154 7.50 -5.65 22.94
C LEU B 154 8.45 -4.76 23.71
N THR B 155 8.61 -5.07 25.00
CA THR B 155 9.54 -4.37 25.87
C THR B 155 10.49 -5.38 26.50
N GLU B 156 11.52 -4.87 27.16
CA GLU B 156 12.44 -5.73 27.88
C GLU B 156 11.73 -6.50 28.98
N GLN B 157 10.62 -5.96 29.50
CA GLN B 157 9.90 -6.54 30.62
C GLN B 157 8.78 -7.50 30.23
N ASN B 158 8.40 -7.56 28.95
CA ASN B 158 7.26 -8.37 28.55
C ASN B 158 7.51 -9.28 27.36
N ALA B 159 8.72 -9.24 26.77
CA ALA B 159 8.88 -9.65 25.38
C ALA B 159 8.42 -11.09 25.15
N CYS B 160 8.92 -12.04 25.94
CA CYS B 160 8.72 -13.44 25.55
C CYS B 160 7.28 -13.89 25.77
N TYR B 161 6.62 -13.45 26.84
CA TYR B 161 5.24 -13.90 26.99
C TYR B 161 4.28 -13.12 26.11
N GLU B 162 4.60 -11.88 25.75
CA GLU B 162 3.76 -11.18 24.77
C GLU B 162 3.90 -11.81 23.39
N ILE B 163 5.11 -12.27 23.03
CA ILE B 163 5.29 -13.01 21.78
C ILE B 163 4.42 -14.26 21.78
N ASP B 164 4.49 -15.03 22.87
CA ASP B 164 3.72 -16.27 22.95
C ASP B 164 2.22 -16.01 22.97
N ARG B 165 1.78 -14.95 23.67
CA ARG B 165 0.35 -14.65 23.74
C ARG B 165 -0.20 -14.28 22.37
N VAL B 166 0.49 -13.39 21.64
CA VAL B 166 0.00 -12.96 20.34
C VAL B 166 -0.04 -14.14 19.38
N LEU B 167 1.03 -14.96 19.35
CA LEU B 167 1.07 -16.09 18.43
C LEU B 167 0.00 -17.11 18.76
N THR B 168 -0.21 -17.38 20.05
CA THR B 168 -1.25 -18.33 20.46
C THR B 168 -2.63 -17.85 20.06
N THR B 169 -2.91 -16.56 20.23
CA THR B 169 -4.19 -16.03 19.79
C THR B 169 -4.33 -16.18 18.27
N MET B 170 -3.25 -15.89 17.54
CA MET B 170 -3.26 -16.08 16.08
C MET B 170 -3.61 -17.53 15.72
N LEU B 171 -2.99 -18.49 16.41
CA LEU B 171 -3.28 -19.91 16.16
C LEU B 171 -4.73 -20.25 16.50
N ARG B 172 -5.24 -19.71 17.61
CA ARG B 172 -6.61 -20.01 18.00
C ARG B 172 -7.62 -19.43 17.01
N GLU B 173 -7.43 -18.17 16.64
CA GLU B 173 -8.43 -17.49 15.81
C GLU B 173 -8.13 -17.57 14.32
N ARG B 174 -6.92 -17.99 13.94
CA ARG B 174 -6.52 -18.04 12.52
C ARG B 174 -6.66 -16.67 11.86
N ARG B 175 -6.05 -15.66 12.46
CA ARG B 175 -6.15 -14.29 12.00
C ARG B 175 -4.84 -13.59 12.29
N PRO B 176 -4.58 -12.42 11.68
CA PRO B 176 -3.28 -11.78 11.85
C PRO B 176 -3.02 -11.28 13.26
N GLY B 177 -1.73 -11.20 13.59
CA GLY B 177 -1.30 -10.53 14.80
C GLY B 177 -0.21 -9.52 14.45
N TYR B 178 0.17 -8.73 15.44
CA TYR B 178 1.06 -7.60 15.22
C TYR B 178 2.05 -7.49 16.37
N LEU B 179 3.33 -7.37 16.06
CA LEU B 179 4.36 -7.19 17.08
C LEU B 179 5.22 -6.01 16.69
N MET B 180 5.34 -5.03 17.59
CA MET B 180 6.29 -3.95 17.44
C MET B 180 7.56 -4.32 18.19
N LEU B 181 8.70 -4.32 17.47
CA LEU B 181 9.97 -4.77 18.01
C LEU B 181 10.97 -3.62 17.94
N PRO B 182 11.10 -2.83 19.00
CA PRO B 182 12.18 -1.83 19.05
C PRO B 182 13.54 -2.50 18.92
N ALA B 183 14.47 -1.81 18.26
CA ALA B 183 15.77 -2.42 17.95
C ALA B 183 16.50 -2.83 19.22
N ASP B 184 16.39 -2.03 20.29
CA ASP B 184 17.07 -2.35 21.54
C ASP B 184 16.45 -3.55 22.23
N VAL B 185 15.12 -3.69 22.14
CA VAL B 185 14.46 -4.84 22.76
C VAL B 185 14.87 -6.13 22.08
N ALA B 186 15.07 -6.10 20.76
CA ALA B 186 15.42 -7.29 20.01
C ALA B 186 16.72 -7.92 20.48
N LYS B 187 17.63 -7.12 21.04
CA LYS B 187 18.92 -7.63 21.52
C LYS B 187 18.89 -8.09 22.96
N LYS B 188 17.76 -7.92 23.65
CA LYS B 188 17.70 -8.27 25.06
C LYS B 188 17.86 -9.77 25.23
N ALA B 189 18.51 -10.16 26.32
CA ALA B 189 18.78 -11.58 26.58
C ALA B 189 17.47 -12.34 26.73
N ALA B 190 17.47 -13.57 26.22
CA ALA B 190 16.34 -14.48 26.36
C ALA B 190 16.90 -15.88 26.58
N THR B 191 15.98 -16.83 26.84
CA THR B 191 16.34 -18.22 27.06
C THR B 191 15.59 -19.07 26.05
N PRO B 192 16.28 -19.99 25.36
CA PRO B 192 15.58 -20.87 24.43
C PRO B 192 14.57 -21.74 25.17
N PRO B 193 13.34 -21.81 24.68
CA PRO B 193 12.32 -22.61 25.39
C PRO B 193 12.53 -24.09 25.18
N VAL B 194 12.30 -24.85 26.26
CA VAL B 194 12.35 -26.31 26.19
C VAL B 194 11.14 -26.85 25.44
N ASN B 195 9.99 -26.20 25.55
CA ASN B 195 8.76 -26.69 24.94
C ASN B 195 8.38 -25.83 23.76
N ALA B 196 8.12 -26.47 22.62
CA ALA B 196 7.69 -25.77 21.43
C ALA B 196 6.27 -25.24 21.61
N LEU B 197 6.02 -24.03 21.09
CA LEU B 197 4.71 -23.43 21.20
C LEU B 197 3.67 -24.26 20.48
N THR B 198 2.62 -24.65 21.21
CA THR B 198 1.52 -25.40 20.64
C THR B 198 0.23 -24.94 21.31
N LEU B 199 -0.90 -25.11 20.59
CA LEU B 199 -2.18 -24.62 21.08
C LEU B 199 -2.96 -25.65 21.89
N ARG B 200 -3.04 -26.90 21.41
CA ARG B 200 -3.80 -27.96 22.08
C ARG B 200 -5.29 -27.59 22.19
N HIS B 201 -5.96 -27.67 21.03
CA HIS B 201 -7.36 -27.29 20.87
C HIS B 201 -8.20 -27.61 22.10
N ALA B 202 -9.06 -26.67 22.47
CA ALA B 202 -9.88 -26.76 23.66
C ALA B 202 -11.05 -27.73 23.46
N HIS B 203 -11.75 -28.01 24.58
CA HIS B 203 -12.89 -28.91 24.60
C HIS B 203 -14.08 -28.18 25.22
N ALA B 204 -15.25 -28.38 24.60
CA ALA B 204 -16.47 -27.82 25.14
C ALA B 204 -16.83 -28.46 26.48
N ASP B 205 -17.46 -27.66 27.34
CA ASP B 205 -18.11 -28.20 28.52
C ASP B 205 -19.06 -29.32 28.09
N SER B 206 -19.02 -30.44 28.82
CA SER B 206 -19.70 -31.64 28.35
C SER B 206 -21.21 -31.46 28.32
N ALA B 207 -21.77 -30.66 29.24
CA ALA B 207 -23.21 -30.39 29.17
C ALA B 207 -23.57 -29.54 27.96
N CYS B 208 -22.74 -28.53 27.64
CA CYS B 208 -23.00 -27.71 26.47
C CYS B 208 -22.91 -28.53 25.19
N LEU B 209 -21.86 -29.36 25.06
CA LEU B 209 -21.74 -30.20 23.88
C LEU B 209 -22.90 -31.17 23.77
N LYS B 210 -23.30 -31.77 24.90
CA LYS B 210 -24.44 -32.68 24.90
C LYS B 210 -25.72 -31.96 24.48
N ALA B 211 -25.91 -30.72 24.95
CA ALA B 211 -27.08 -29.94 24.54
C ALA B 211 -27.08 -29.69 23.04
N PHE B 212 -25.93 -29.32 22.47
CA PHE B 212 -25.86 -29.18 21.03
C PHE B 212 -26.12 -30.52 20.34
N ARG B 213 -25.51 -31.60 20.86
CA ARG B 213 -25.70 -32.91 20.24
C ARG B 213 -27.16 -33.32 20.27
N ASP B 214 -27.83 -33.14 21.41
CA ASP B 214 -29.23 -33.53 21.51
C ASP B 214 -30.11 -32.72 20.57
N ALA B 215 -29.87 -31.41 20.47
CA ALA B 215 -30.64 -30.62 19.52
C ALA B 215 -30.31 -31.01 18.08
N ALA B 216 -29.03 -31.26 17.80
CA ALA B 216 -28.65 -31.74 16.47
C ALA B 216 -29.16 -33.15 16.23
N GLU B 217 -29.12 -34.01 17.27
CA GLU B 217 -29.64 -35.36 17.11
C GLU B 217 -31.12 -35.33 16.75
N ASN B 218 -31.90 -34.49 17.44
CA ASN B 218 -33.31 -34.37 17.10
C ASN B 218 -33.50 -33.89 15.68
N ARG B 219 -32.81 -32.80 15.32
CA ARG B 219 -33.04 -32.18 14.02
C ARG B 219 -32.72 -33.13 12.88
N LEU B 220 -31.60 -33.85 12.97
CA LEU B 220 -31.24 -34.80 11.91
C LEU B 220 -32.20 -35.98 11.90
N ALA B 221 -32.80 -36.31 13.05
CA ALA B 221 -33.71 -37.44 13.12
C ALA B 221 -34.95 -37.24 12.26
N MET B 222 -35.43 -36.01 12.09
CA MET B 222 -36.57 -35.78 11.20
C MET B 222 -36.16 -35.31 9.82
N SER B 223 -34.88 -35.39 9.47
CA SER B 223 -34.42 -35.00 8.15
C SER B 223 -34.61 -36.13 7.15
N LYS B 224 -35.31 -35.84 6.05
CA LYS B 224 -35.46 -36.83 4.98
C LYS B 224 -34.22 -36.83 4.08
N ARG B 225 -33.87 -35.68 3.52
CA ARG B 225 -32.67 -35.51 2.71
C ARG B 225 -31.78 -34.45 3.33
N THR B 226 -30.52 -34.79 3.55
CA THR B 226 -29.56 -33.91 4.18
C THR B 226 -28.44 -33.58 3.19
N ALA B 227 -28.00 -32.33 3.19
CA ALA B 227 -26.92 -31.88 2.33
C ALA B 227 -25.87 -31.13 3.15
N LEU B 228 -24.65 -31.09 2.64
CA LEU B 228 -23.51 -30.51 3.33
C LEU B 228 -22.94 -29.37 2.51
N LEU B 229 -22.81 -28.20 3.14
CA LEU B 229 -22.19 -27.04 2.52
C LEU B 229 -21.05 -26.57 3.41
N ALA B 230 -19.82 -26.67 2.91
CA ALA B 230 -18.64 -26.28 3.66
C ALA B 230 -17.94 -25.15 2.94
N ASP B 231 -17.23 -24.31 3.70
CA ASP B 231 -16.54 -23.20 3.06
C ASP B 231 -15.27 -22.88 3.86
N PHE B 232 -14.74 -21.68 3.63
CA PHE B 232 -13.32 -21.41 3.84
C PHE B 232 -12.86 -21.59 5.29
N LEU B 233 -13.77 -21.50 6.26
CA LEU B 233 -13.33 -21.61 7.65
C LEU B 233 -12.85 -23.02 7.98
N VAL B 234 -13.37 -24.05 7.30
CA VAL B 234 -12.80 -25.39 7.49
C VAL B 234 -11.38 -25.43 6.95
N LEU B 235 -11.11 -24.72 5.86
CA LEU B 235 -9.75 -24.66 5.33
C LEU B 235 -8.80 -24.01 6.35
N ARG B 236 -9.23 -22.89 6.94
CA ARG B 236 -8.36 -22.15 7.86
C ARG B 236 -8.09 -22.93 9.14
N HIS B 237 -9.07 -23.69 9.62
CA HIS B 237 -8.94 -24.42 10.87
C HIS B 237 -8.48 -25.86 10.68
N GLY B 238 -7.89 -26.17 9.52
CA GLY B 238 -7.26 -27.47 9.31
C GLY B 238 -8.22 -28.63 9.30
N LEU B 239 -9.46 -28.42 8.86
CA LEU B 239 -10.49 -29.44 8.90
C LEU B 239 -10.82 -30.00 7.51
N LYS B 240 -9.93 -29.78 6.53
CA LYS B 240 -10.19 -30.26 5.17
C LYS B 240 -10.31 -31.78 5.14
N HIS B 241 -9.42 -32.48 5.82
CA HIS B 241 -9.49 -33.94 5.86
C HIS B 241 -10.79 -34.41 6.51
N ALA B 242 -11.20 -33.75 7.60
CA ALA B 242 -12.40 -34.18 8.31
C ALA B 242 -13.65 -34.06 7.42
N LEU B 243 -13.75 -32.98 6.65
CA LEU B 243 -14.89 -32.82 5.75
C LEU B 243 -14.83 -33.84 4.61
N GLN B 244 -13.63 -34.13 4.11
CA GLN B 244 -13.49 -35.14 3.06
C GLN B 244 -13.86 -36.53 3.57
N LYS B 245 -13.33 -36.90 4.74
CA LYS B 245 -13.67 -38.19 5.31
C LYS B 245 -15.15 -38.27 5.66
N TRP B 246 -15.74 -37.13 6.07
CA TRP B 246 -17.16 -37.09 6.42
C TRP B 246 -18.03 -37.55 5.25
N VAL B 247 -17.80 -37.01 4.06
CA VAL B 247 -18.65 -37.36 2.92
C VAL B 247 -18.33 -38.73 2.34
N LYS B 248 -17.14 -39.28 2.60
CA LYS B 248 -16.89 -40.68 2.23
C LYS B 248 -17.68 -41.62 3.14
N ASP B 249 -17.61 -41.40 4.46
CA ASP B 249 -18.30 -42.28 5.39
C ASP B 249 -19.81 -42.09 5.34
N VAL B 250 -20.27 -40.91 4.93
CA VAL B 250 -21.70 -40.60 4.84
C VAL B 250 -21.95 -39.89 3.52
N PRO B 251 -22.13 -40.62 2.42
CA PRO B 251 -22.35 -39.97 1.12
C PRO B 251 -23.64 -39.14 1.13
N MET B 252 -23.51 -37.89 0.73
CA MET B 252 -24.66 -37.00 0.58
C MET B 252 -24.28 -35.91 -0.40
N ALA B 253 -25.29 -35.23 -0.93
CA ALA B 253 -25.04 -34.07 -1.80
C ALA B 253 -24.26 -33.02 -1.02
N HIS B 254 -23.17 -32.54 -1.61
CA HIS B 254 -22.29 -31.60 -0.93
C HIS B 254 -21.73 -30.61 -1.93
N ALA B 255 -21.42 -29.41 -1.44
CA ALA B 255 -20.86 -28.35 -2.26
C ALA B 255 -20.05 -27.42 -1.38
N THR B 256 -19.36 -26.48 -2.02
CA THR B 256 -18.77 -25.33 -1.35
C THR B 256 -19.27 -24.07 -2.03
N MET B 257 -18.91 -22.93 -1.48
CA MET B 257 -19.03 -21.66 -2.17
C MET B 257 -17.65 -21.31 -2.74
N LEU B 258 -17.52 -20.09 -3.30
CA LEU B 258 -16.28 -19.74 -3.99
C LEU B 258 -15.09 -19.75 -3.05
N MET B 259 -15.26 -19.22 -1.84
CA MET B 259 -14.15 -19.08 -0.90
C MET B 259 -13.59 -20.44 -0.50
N GLY B 260 -14.46 -21.42 -0.29
CA GLY B 260 -14.04 -22.73 0.16
C GLY B 260 -13.78 -23.74 -0.92
N LYS B 261 -13.73 -23.32 -2.19
CA LYS B 261 -13.41 -24.24 -3.27
C LYS B 261 -12.06 -24.90 -3.02
N GLY B 262 -11.99 -26.21 -3.20
CA GLY B 262 -10.81 -26.99 -2.92
C GLY B 262 -10.94 -27.91 -1.73
N ILE B 263 -11.99 -27.76 -0.93
CA ILE B 263 -12.20 -28.67 0.20
C ILE B 263 -12.48 -30.08 -0.30
N PHE B 264 -13.29 -30.21 -1.34
CA PHE B 264 -13.75 -31.50 -1.83
C PHE B 264 -13.14 -31.82 -3.19
N ASP B 265 -12.86 -33.10 -3.41
CA ASP B 265 -12.60 -33.58 -4.75
C ASP B 265 -13.88 -33.42 -5.57
N GLU B 266 -13.87 -32.52 -6.55
CA GLU B 266 -15.09 -32.17 -7.26
C GLU B 266 -15.50 -33.22 -8.28
N ARG B 267 -14.68 -34.24 -8.50
CA ARG B 267 -15.06 -35.38 -9.32
C ARG B 267 -15.85 -36.42 -8.55
N HIS B 268 -15.87 -36.32 -7.22
CA HIS B 268 -16.49 -37.34 -6.37
C HIS B 268 -18.01 -37.34 -6.51
N VAL B 269 -18.60 -38.50 -6.25
CA VAL B 269 -20.05 -38.63 -6.28
C VAL B 269 -20.66 -37.76 -5.19
N GLY B 270 -21.79 -37.13 -5.50
CA GLY B 270 -22.44 -36.22 -4.58
C GLY B 270 -22.08 -34.77 -4.77
N PHE B 271 -21.10 -34.46 -5.62
CA PHE B 271 -20.73 -33.09 -5.92
C PHE B 271 -21.29 -32.71 -7.29
N TYR B 272 -22.02 -31.60 -7.34
CA TYR B 272 -22.67 -31.16 -8.57
C TYR B 272 -22.19 -29.80 -9.06
N GLY B 273 -21.28 -29.16 -8.34
CA GLY B 273 -20.80 -27.84 -8.69
C GLY B 273 -20.80 -26.91 -7.47
N THR B 274 -20.10 -25.80 -7.63
CA THR B 274 -20.00 -24.82 -6.56
C THR B 274 -21.35 -24.11 -6.38
N TYR B 275 -21.68 -23.82 -5.12
CA TYR B 275 -22.92 -23.14 -4.79
C TYR B 275 -22.70 -21.63 -4.77
N SER B 276 -23.52 -20.91 -5.52
CA SER B 276 -23.42 -19.46 -5.60
C SER B 276 -24.80 -18.81 -5.56
N GLY B 277 -25.66 -19.28 -4.66
CA GLY B 277 -27.00 -18.73 -4.55
C GLY B 277 -27.81 -19.01 -5.80
N SER B 278 -28.60 -18.01 -6.23
CA SER B 278 -29.42 -18.14 -7.42
C SER B 278 -28.61 -18.27 -8.70
N ALA B 279 -27.31 -17.97 -8.66
CA ALA B 279 -26.44 -18.15 -9.82
C ALA B 279 -25.91 -19.58 -9.93
N SER B 280 -26.25 -20.46 -9.00
CA SER B 280 -25.77 -21.83 -9.04
C SER B 280 -26.39 -22.57 -10.21
N ALA B 281 -25.71 -23.63 -10.65
CA ALA B 281 -26.30 -24.54 -11.61
C ALA B 281 -27.56 -25.17 -11.04
N GLY B 282 -28.49 -25.50 -11.93
CA GLY B 282 -29.77 -26.05 -11.49
C GLY B 282 -29.62 -27.30 -10.64
N ALA B 283 -28.68 -28.17 -11.00
CA ALA B 283 -28.43 -29.37 -10.20
C ALA B 283 -27.92 -29.00 -8.80
N VAL B 284 -27.08 -27.97 -8.72
CA VAL B 284 -26.56 -27.53 -7.42
C VAL B 284 -27.68 -26.95 -6.57
N LYS B 285 -28.53 -26.11 -7.17
CA LYS B 285 -29.64 -25.52 -6.43
C LYS B 285 -30.53 -26.60 -5.84
N GLU B 286 -30.83 -27.64 -6.62
CA GLU B 286 -31.66 -28.72 -6.10
C GLU B 286 -30.91 -29.56 -5.07
N ALA B 287 -29.60 -29.75 -5.29
CA ALA B 287 -28.82 -30.57 -4.37
C ALA B 287 -28.76 -29.93 -2.97
N ILE B 288 -28.51 -28.63 -2.91
CA ILE B 288 -28.31 -27.95 -1.64
C ILE B 288 -29.61 -27.34 -1.14
N GLU B 289 -30.16 -26.38 -1.90
CA GLU B 289 -31.36 -25.68 -1.45
C GLU B 289 -32.58 -26.58 -1.45
N GLY B 290 -32.57 -27.67 -2.21
CA GLY B 290 -33.70 -28.58 -2.23
C GLY B 290 -33.74 -29.57 -1.08
N ALA B 291 -32.63 -29.72 -0.36
CA ALA B 291 -32.60 -30.58 0.80
C ALA B 291 -33.38 -29.95 1.95
N ASP B 292 -34.00 -30.80 2.78
CA ASP B 292 -34.73 -30.28 3.93
C ASP B 292 -33.81 -29.94 5.10
N THR B 293 -32.58 -30.45 5.09
CA THR B 293 -31.60 -30.11 6.12
C THR B 293 -30.26 -29.88 5.43
N VAL B 294 -29.68 -28.70 5.65
CA VAL B 294 -28.38 -28.34 5.09
C VAL B 294 -27.42 -28.07 6.24
N LEU B 295 -26.30 -28.79 6.25
CA LEU B 295 -25.26 -28.58 7.24
C LEU B 295 -24.27 -27.56 6.69
N CYS B 296 -24.24 -26.37 7.31
CA CYS B 296 -23.36 -25.28 6.89
C CYS B 296 -22.15 -25.26 7.81
N ILE B 297 -20.99 -25.63 7.27
CA ILE B 297 -19.77 -25.80 8.05
C ILE B 297 -18.80 -24.69 7.63
N GLY B 298 -18.57 -23.75 8.55
CA GLY B 298 -17.62 -22.67 8.30
C GLY B 298 -18.00 -21.75 7.15
N THR B 299 -19.27 -21.42 7.04
CA THR B 299 -19.79 -20.66 5.90
C THR B 299 -20.00 -19.20 6.28
N ARG B 300 -19.72 -18.31 5.33
CA ARG B 300 -20.04 -16.89 5.43
C ARG B 300 -20.70 -16.48 4.12
N PHE B 301 -21.97 -16.07 4.20
CA PHE B 301 -22.76 -15.79 2.99
C PHE B 301 -22.55 -14.33 2.59
N THR B 302 -21.44 -14.10 1.90
CA THR B 302 -21.12 -12.76 1.41
C THR B 302 -21.88 -12.48 0.11
N ASP B 303 -21.86 -11.20 -0.29
CA ASP B 303 -22.62 -10.79 -1.48
C ASP B 303 -22.11 -11.50 -2.73
N THR B 304 -20.79 -11.60 -2.90
CA THR B 304 -20.23 -12.27 -4.07
C THR B 304 -20.51 -13.76 -4.04
N LEU B 305 -20.36 -14.39 -2.88
CA LEU B 305 -20.54 -15.83 -2.76
C LEU B 305 -21.99 -16.23 -3.02
N THR B 306 -22.94 -15.34 -2.74
CA THR B 306 -24.36 -15.64 -2.89
C THR B 306 -25.00 -14.93 -4.08
N ALA B 307 -24.19 -14.32 -4.95
CA ALA B 307 -24.67 -13.59 -6.12
C ALA B 307 -25.74 -12.57 -5.72
N GLY B 308 -25.42 -11.75 -4.72
CA GLY B 308 -26.32 -10.69 -4.30
C GLY B 308 -27.31 -11.12 -3.23
N PHE B 309 -26.87 -12.00 -2.33
CA PHE B 309 -27.71 -12.50 -1.23
C PHE B 309 -28.99 -13.14 -1.76
N THR B 310 -28.88 -13.85 -2.87
CA THR B 310 -30.01 -14.55 -3.47
C THR B 310 -30.07 -16.01 -3.06
N HIS B 311 -29.27 -16.42 -2.08
CA HIS B 311 -29.35 -17.77 -1.54
C HIS B 311 -30.68 -17.97 -0.81
N GLN B 312 -31.22 -19.18 -0.92
CA GLN B 312 -32.49 -19.52 -0.27
C GLN B 312 -32.21 -20.63 0.73
N LEU B 313 -31.80 -20.24 1.94
CA LEU B 313 -31.57 -21.16 3.04
C LEU B 313 -32.13 -20.55 4.30
N THR B 314 -33.13 -21.18 4.88
CA THR B 314 -33.80 -20.68 6.08
C THR B 314 -33.14 -21.21 7.34
N PRO B 315 -33.32 -20.52 8.47
CA PRO B 315 -32.77 -21.04 9.73
C PRO B 315 -33.29 -22.43 10.09
N SER B 316 -34.56 -22.72 9.86
CA SER B 316 -35.09 -24.03 10.19
C SER B 316 -34.51 -25.12 9.29
N GLN B 317 -34.10 -24.75 8.08
CA GLN B 317 -33.52 -25.67 7.13
C GLN B 317 -32.07 -26.01 7.43
N THR B 318 -31.40 -25.22 8.28
CA THR B 318 -29.95 -25.26 8.37
C THR B 318 -29.47 -25.57 9.78
N ILE B 319 -28.34 -26.27 9.83
CA ILE B 319 -27.50 -26.39 11.02
C ILE B 319 -26.15 -25.81 10.66
N GLU B 320 -25.67 -24.86 11.46
CA GLU B 320 -24.51 -24.06 11.11
C GLU B 320 -23.44 -24.22 12.16
N VAL B 321 -22.19 -24.41 11.72
CA VAL B 321 -21.05 -24.59 12.60
C VAL B 321 -20.04 -23.49 12.33
N GLN B 322 -19.71 -22.72 13.38
CA GLN B 322 -18.77 -21.60 13.30
C GLN B 322 -17.61 -21.88 14.24
N PRO B 323 -16.51 -21.09 14.20
CA PRO B 323 -15.31 -21.49 14.95
C PRO B 323 -15.52 -21.73 16.44
N HIS B 324 -16.33 -20.92 17.11
CA HIS B 324 -16.53 -21.06 18.55
C HIS B 324 -17.98 -21.33 18.93
N ALA B 325 -18.86 -21.50 17.95
CA ALA B 325 -20.27 -21.68 18.26
C ALA B 325 -20.95 -22.38 17.10
N SER B 326 -22.03 -23.09 17.41
CA SER B 326 -22.82 -23.80 16.43
C SER B 326 -24.29 -23.53 16.67
N ARG B 327 -25.08 -23.64 15.61
CA ARG B 327 -26.50 -23.32 15.65
C ARG B 327 -27.32 -24.47 15.10
N VAL B 328 -28.41 -24.78 15.79
CA VAL B 328 -29.43 -25.71 15.30
C VAL B 328 -30.74 -24.94 15.27
N GLY B 329 -31.27 -24.71 14.08
CA GLY B 329 -32.49 -23.93 13.96
C GLY B 329 -32.27 -22.51 14.43
N ASP B 330 -33.10 -22.07 15.39
CA ASP B 330 -33.02 -20.72 15.92
C ASP B 330 -32.18 -20.63 17.19
N VAL B 331 -31.64 -21.74 17.67
CA VAL B 331 -30.95 -21.80 18.96
C VAL B 331 -29.45 -21.87 18.69
N TRP B 332 -28.68 -21.02 19.36
CA TRP B 332 -27.23 -21.00 19.26
C TRP B 332 -26.62 -21.73 20.45
N PHE B 333 -25.53 -22.45 20.19
CA PHE B 333 -24.80 -23.20 21.21
C PHE B 333 -23.36 -22.71 21.19
N THR B 334 -23.01 -21.85 22.14
CA THR B 334 -21.72 -21.19 22.16
C THR B 334 -20.74 -21.92 23.07
N GLY B 335 -19.45 -21.70 22.82
CA GLY B 335 -18.41 -22.38 23.58
C GLY B 335 -18.14 -23.79 23.11
N ILE B 336 -18.41 -24.08 21.84
CA ILE B 336 -18.18 -25.40 21.26
C ILE B 336 -17.13 -25.27 20.16
N PRO B 337 -15.97 -25.90 20.30
CA PRO B 337 -14.99 -25.86 19.22
C PRO B 337 -15.55 -26.45 17.94
N MET B 338 -15.16 -25.86 16.82
CA MET B 338 -15.69 -26.26 15.53
C MET B 338 -15.36 -27.71 15.21
N LEU B 339 -14.17 -28.17 15.61
CA LEU B 339 -13.81 -29.57 15.41
C LEU B 339 -14.71 -30.49 16.22
N GLN B 340 -14.98 -30.14 17.48
CA GLN B 340 -15.84 -30.97 18.31
C GLN B 340 -17.26 -31.02 17.77
N ALA B 341 -17.77 -29.88 17.27
CA ALA B 341 -19.09 -29.88 16.65
C ALA B 341 -19.12 -30.79 15.43
N ILE B 342 -18.09 -30.71 14.58
CA ILE B 342 -18.06 -31.53 13.36
C ILE B 342 -18.03 -33.01 13.73
N GLU B 343 -17.16 -33.39 14.63
CA GLU B 343 -17.06 -34.76 15.08
C GLU B 343 -18.39 -35.26 15.59
N THR B 344 -19.12 -34.37 16.22
CA THR B 344 -20.43 -34.66 16.77
C THR B 344 -21.41 -34.86 15.65
N LEU B 345 -21.42 -33.99 14.66
CA LEU B 345 -22.33 -34.17 13.53
C LEU B 345 -22.03 -35.39 12.67
N VAL B 346 -20.79 -35.84 12.63
CA VAL B 346 -20.44 -36.99 11.81
C VAL B 346 -21.11 -38.24 12.37
N GLU B 347 -20.96 -38.42 13.68
CA GLU B 347 -21.58 -39.48 14.45
C GLU B 347 -23.04 -39.49 14.12
N LEU B 348 -23.70 -38.36 14.29
CA LEU B 348 -25.10 -38.23 14.02
C LEU B 348 -25.51 -38.45 12.59
N CYS B 349 -24.63 -38.18 11.63
CA CYS B 349 -24.96 -38.38 10.22
C CYS B 349 -24.92 -39.87 9.92
N LYS B 350 -23.99 -40.57 10.53
CA LYS B 350 -23.87 -41.98 10.41
C LYS B 350 -25.16 -42.62 10.96
N GLN B 351 -25.65 -42.13 12.08
CA GLN B 351 -26.87 -42.62 12.66
C GLN B 351 -28.14 -42.15 11.95
N HIS B 352 -28.14 -41.06 11.20
CA HIS B 352 -29.42 -40.59 10.62
C HIS B 352 -29.53 -40.20 9.14
N VAL B 353 -28.43 -40.25 8.42
CA VAL B 353 -28.36 -39.99 6.98
C VAL B 353 -28.26 -41.32 6.23
N HIS B 354 -29.23 -41.56 5.34
CA HIS B 354 -29.38 -42.82 4.61
C HIS B 354 -29.03 -42.76 3.14
N ASP B 355 -29.49 -41.70 2.50
CA ASP B 355 -29.40 -41.48 1.05
C ASP B 355 -28.09 -41.79 0.34
N THR B 356 -28.19 -42.10 -0.96
CA THR B 356 -27.04 -42.31 -1.84
C THR B 356 -27.26 -41.27 -2.95
N PRO B 357 -26.22 -40.52 -3.28
CA PRO B 357 -26.50 -39.43 -4.21
C PRO B 357 -26.93 -39.78 -5.62
N VAL B 358 -26.54 -40.93 -6.16
CA VAL B 358 -26.92 -41.32 -7.51
C VAL B 358 -26.81 -40.13 -8.47
N PRO B 359 -25.62 -39.93 -9.05
CA PRO B 359 -25.37 -38.84 -10.00
C PRO B 359 -26.01 -39.10 -11.35
N PRO B 370 -12.73 -27.92 -27.84
CA PRO B 370 -11.89 -26.89 -28.46
C PRO B 370 -12.67 -26.04 -29.46
N ASP B 371 -12.15 -24.87 -29.80
CA ASP B 371 -12.89 -23.85 -30.54
C ASP B 371 -11.91 -23.11 -31.44
N GLY B 372 -12.32 -21.94 -31.93
CA GLY B 372 -11.43 -21.05 -32.65
C GLY B 372 -11.05 -19.83 -31.83
N SER B 373 -11.69 -18.70 -32.10
CA SER B 373 -11.37 -17.46 -31.38
C SER B 373 -11.68 -17.59 -29.89
N LEU B 374 -10.74 -17.08 -29.07
CA LEU B 374 -10.85 -17.25 -27.63
C LEU B 374 -12.01 -16.45 -27.07
N THR B 375 -12.81 -17.10 -26.23
CA THR B 375 -13.87 -16.47 -25.47
C THR B 375 -13.74 -16.90 -24.02
N GLN B 376 -14.49 -16.26 -23.13
CA GLN B 376 -14.57 -16.74 -21.75
C GLN B 376 -14.99 -18.20 -21.72
N ASP B 377 -15.99 -18.56 -22.54
CA ASP B 377 -16.54 -19.92 -22.51
C ASP B 377 -15.48 -20.95 -22.85
N ASN B 378 -14.78 -20.79 -23.99
CA ASN B 378 -13.81 -21.78 -24.39
C ASN B 378 -12.49 -21.65 -23.65
N PHE B 379 -12.21 -20.50 -23.05
CA PHE B 379 -11.01 -20.39 -22.21
C PHE B 379 -11.12 -21.29 -20.99
N TRP B 380 -12.25 -21.22 -20.27
CA TRP B 380 -12.41 -22.02 -19.07
C TRP B 380 -12.58 -23.49 -19.38
N LYS B 381 -13.21 -23.81 -20.52
CA LYS B 381 -13.27 -25.20 -20.96
C LYS B 381 -11.88 -25.73 -21.28
N THR B 382 -11.04 -24.91 -21.92
CA THR B 382 -9.67 -25.32 -22.20
C THR B 382 -8.89 -25.52 -20.91
N LEU B 383 -9.06 -24.61 -19.95
CA LEU B 383 -8.38 -24.75 -18.67
C LEU B 383 -8.86 -25.98 -17.91
N GLN B 384 -10.13 -26.36 -18.07
CA GLN B 384 -10.66 -27.52 -17.37
C GLN B 384 -9.87 -28.78 -17.68
N THR B 385 -9.51 -28.97 -18.96
CA THR B 385 -8.73 -30.14 -19.35
C THR B 385 -7.28 -30.06 -18.89
N PHE B 386 -6.80 -28.90 -18.47
CA PHE B 386 -5.39 -28.71 -18.17
C PHE B 386 -5.04 -28.94 -16.69
N ILE B 387 -5.96 -28.62 -15.78
CA ILE B 387 -5.65 -28.71 -14.36
C ILE B 387 -5.47 -30.18 -13.97
N ARG B 388 -4.64 -30.42 -12.96
CA ARG B 388 -4.25 -31.74 -12.52
C ARG B 388 -4.29 -31.80 -10.99
N PRO B 389 -4.32 -32.99 -10.41
CA PRO B 389 -4.16 -33.09 -8.96
C PRO B 389 -2.83 -32.51 -8.50
N GLY B 390 -2.85 -31.87 -7.33
CA GLY B 390 -1.68 -31.23 -6.78
C GLY B 390 -1.48 -29.79 -7.20
N ASP B 391 -2.31 -29.27 -8.10
CA ASP B 391 -2.16 -27.90 -8.56
C ASP B 391 -2.53 -26.91 -7.46
N ILE B 392 -1.82 -25.78 -7.46
CA ILE B 392 -2.21 -24.60 -6.70
C ILE B 392 -2.71 -23.58 -7.71
N ILE B 393 -3.98 -23.20 -7.59
CA ILE B 393 -4.65 -22.32 -8.54
C ILE B 393 -5.08 -21.07 -7.80
N LEU B 394 -4.66 -19.90 -8.31
CA LEU B 394 -5.02 -18.61 -7.73
C LEU B 394 -5.73 -17.78 -8.80
N ALA B 395 -6.84 -17.18 -8.43
CA ALA B 395 -7.67 -16.40 -9.35
C ALA B 395 -8.02 -15.07 -8.70
N ASP B 396 -7.86 -13.97 -9.46
CA ASP B 396 -8.11 -12.65 -8.91
C ASP B 396 -9.55 -12.22 -9.15
N GLN B 397 -10.00 -11.27 -8.33
CA GLN B 397 -11.31 -10.66 -8.53
C GLN B 397 -11.39 -10.08 -9.93
N GLY B 398 -12.51 -10.31 -10.59
CA GLY B 398 -12.66 -10.05 -12.00
C GLY B 398 -13.22 -11.27 -12.68
N THR B 399 -13.11 -11.30 -14.01
CA THR B 399 -13.55 -12.48 -14.75
C THR B 399 -12.74 -13.71 -14.38
N SER B 400 -11.53 -13.53 -13.82
CA SER B 400 -10.71 -14.66 -13.41
C SER B 400 -11.42 -15.49 -12.33
N ALA B 401 -11.68 -14.88 -11.17
CA ALA B 401 -12.34 -15.61 -10.09
C ALA B 401 -13.76 -16.02 -10.46
N PHE B 402 -14.48 -15.16 -11.17
CA PHE B 402 -15.88 -15.43 -11.47
C PHE B 402 -16.05 -16.50 -12.54
N GLY B 403 -14.99 -16.81 -13.29
CA GLY B 403 -15.02 -17.91 -14.23
C GLY B 403 -14.41 -19.16 -13.66
N ALA B 404 -13.38 -19.00 -12.82
CA ALA B 404 -12.72 -20.16 -12.22
C ALA B 404 -13.66 -20.95 -11.31
N ILE B 405 -14.76 -20.33 -10.86
CA ILE B 405 -15.71 -21.02 -9.99
C ILE B 405 -16.33 -22.24 -10.68
N ASP B 406 -16.37 -22.24 -12.01
CA ASP B 406 -16.96 -23.32 -12.78
C ASP B 406 -15.99 -24.47 -13.04
N LEU B 407 -14.72 -24.34 -12.67
CA LEU B 407 -13.78 -25.43 -12.82
C LEU B 407 -14.14 -26.57 -11.87
N ARG B 408 -14.01 -27.81 -12.38
CA ARG B 408 -14.22 -29.02 -11.58
C ARG B 408 -12.87 -29.47 -11.07
N LEU B 409 -12.57 -29.18 -9.81
CA LEU B 409 -11.22 -29.39 -9.30
C LEU B 409 -10.99 -30.86 -8.98
N PRO B 410 -9.88 -31.45 -9.42
CA PRO B 410 -9.52 -32.80 -8.98
C PRO B 410 -9.00 -32.81 -7.56
N ALA B 411 -8.51 -33.95 -7.09
CA ALA B 411 -8.06 -34.08 -5.71
C ALA B 411 -6.78 -33.29 -5.48
N ASP B 412 -6.58 -32.91 -4.21
CA ASP B 412 -5.32 -32.30 -3.75
C ASP B 412 -5.04 -30.99 -4.48
N VAL B 413 -6.09 -30.20 -4.72
CA VAL B 413 -5.98 -28.89 -5.34
C VAL B 413 -6.16 -27.82 -4.26
N ASN B 414 -5.20 -26.91 -4.18
CA ASN B 414 -5.31 -25.74 -3.32
C ASN B 414 -5.79 -24.57 -4.20
N PHE B 415 -7.02 -24.14 -3.98
CA PHE B 415 -7.67 -23.10 -4.78
C PHE B 415 -7.73 -21.84 -3.92
N ILE B 416 -6.98 -20.82 -4.31
CA ILE B 416 -6.79 -19.62 -3.51
C ILE B 416 -7.52 -18.45 -4.18
N VAL B 417 -8.55 -17.95 -3.51
CA VAL B 417 -9.32 -16.81 -4.01
C VAL B 417 -9.71 -15.96 -2.82
N GLN B 418 -9.88 -14.65 -3.07
CA GLN B 418 -10.11 -13.66 -2.01
C GLN B 418 -11.35 -12.84 -2.33
N PRO B 419 -12.53 -13.47 -2.33
CA PRO B 419 -13.74 -12.75 -2.76
C PRO B 419 -14.38 -11.89 -1.69
N LEU B 420 -14.03 -12.06 -0.41
CA LEU B 420 -14.60 -11.20 0.62
C LEU B 420 -13.87 -9.86 0.67
N TRP B 421 -12.56 -9.88 0.89
CA TRP B 421 -11.80 -8.64 0.83
C TRP B 421 -11.75 -8.11 -0.59
N GLY B 422 -11.40 -8.96 -1.56
CA GLY B 422 -11.48 -8.62 -2.97
C GLY B 422 -10.52 -7.57 -3.48
N SER B 423 -9.25 -7.65 -3.07
CA SER B 423 -8.24 -6.67 -3.48
C SER B 423 -7.52 -7.19 -4.74
N ILE B 424 -7.73 -6.52 -5.86
CA ILE B 424 -7.06 -6.96 -7.09
C ILE B 424 -5.57 -6.68 -6.97
N GLY B 425 -4.78 -7.55 -7.60
CA GLY B 425 -3.35 -7.59 -7.41
C GLY B 425 -2.89 -8.60 -6.38
N TYR B 426 -3.82 -9.11 -5.56
CA TYR B 426 -3.45 -10.04 -4.50
C TYR B 426 -2.82 -11.31 -5.07
N THR B 427 -3.43 -11.90 -6.10
CA THR B 427 -3.03 -13.26 -6.48
C THR B 427 -1.62 -13.31 -7.03
N LEU B 428 -1.24 -12.34 -7.87
CA LEU B 428 0.10 -12.39 -8.44
C LEU B 428 1.15 -12.42 -7.34
N ALA B 429 1.00 -11.54 -6.34
CA ALA B 429 1.93 -11.54 -5.22
C ALA B 429 1.70 -12.73 -4.30
N ALA B 430 0.44 -13.12 -4.10
CA ALA B 430 0.16 -14.30 -3.29
C ALA B 430 0.72 -15.56 -3.94
N ALA B 431 0.76 -15.60 -5.27
CA ALA B 431 1.34 -16.75 -5.99
C ALA B 431 2.83 -16.90 -5.69
N PHE B 432 3.55 -15.78 -5.62
CA PHE B 432 4.94 -15.83 -5.21
C PHE B 432 5.07 -16.44 -3.82
N GLY B 433 4.18 -16.07 -2.89
CA GLY B 433 4.22 -16.66 -1.56
C GLY B 433 3.86 -18.14 -1.56
N ALA B 434 2.81 -18.51 -2.29
CA ALA B 434 2.41 -19.91 -2.35
C ALA B 434 3.50 -20.78 -2.99
N GLN B 435 4.09 -20.31 -4.08
CA GLN B 435 5.16 -21.06 -4.73
C GLN B 435 6.37 -21.20 -3.80
N THR B 436 6.66 -20.15 -3.03
CA THR B 436 7.70 -20.25 -2.00
C THR B 436 7.37 -21.32 -0.98
N ALA B 437 6.09 -21.39 -0.57
CA ALA B 437 5.68 -22.41 0.38
C ALA B 437 5.76 -23.80 -0.22
N CYS B 438 5.42 -23.95 -1.49
CA CYS B 438 5.33 -25.27 -2.14
C CYS B 438 6.16 -25.28 -3.41
N PRO B 439 7.49 -25.33 -3.28
CA PRO B 439 8.34 -25.28 -4.48
C PRO B 439 8.18 -26.49 -5.40
N ASN B 440 7.64 -27.61 -4.92
CA ASN B 440 7.50 -28.81 -5.74
C ASN B 440 6.11 -28.99 -6.33
N ARG B 441 5.23 -27.99 -6.19
CA ARG B 441 3.89 -28.07 -6.73
C ARG B 441 3.72 -27.09 -7.88
N ARG B 442 2.83 -27.45 -8.80
CA ARG B 442 2.57 -26.60 -9.96
C ARG B 442 1.61 -25.49 -9.56
N VAL B 443 1.97 -24.25 -9.89
CA VAL B 443 1.20 -23.07 -9.51
C VAL B 443 0.66 -22.42 -10.77
N ILE B 444 -0.66 -22.25 -10.82
CA ILE B 444 -1.35 -21.64 -11.95
C ILE B 444 -1.95 -20.31 -11.47
N VAL B 445 -1.57 -19.22 -12.12
CA VAL B 445 -1.99 -17.88 -11.72
C VAL B 445 -2.96 -17.34 -12.77
N LEU B 446 -4.20 -17.10 -12.36
CA LEU B 446 -5.22 -16.51 -13.23
C LEU B 446 -5.47 -15.09 -12.73
N THR B 447 -4.92 -14.12 -13.45
CA THR B 447 -5.06 -12.72 -13.07
C THR B 447 -5.52 -11.92 -14.28
N GLY B 448 -6.40 -10.95 -14.03
CA GLY B 448 -6.73 -10.02 -15.08
C GLY B 448 -5.60 -9.07 -15.37
N ASP B 449 -5.68 -8.41 -16.53
CA ASP B 449 -4.66 -7.42 -16.87
C ASP B 449 -4.68 -6.24 -15.91
N GLY B 450 -5.88 -5.78 -15.53
CA GLY B 450 -5.96 -4.70 -14.57
C GLY B 450 -5.33 -5.08 -13.23
N ALA B 451 -5.67 -6.25 -12.72
CA ALA B 451 -5.18 -6.67 -11.40
C ALA B 451 -3.66 -6.79 -11.38
N ALA B 452 -3.08 -7.38 -12.43
CA ALA B 452 -1.64 -7.64 -12.44
C ALA B 452 -0.82 -6.35 -12.40
N GLN B 453 -1.37 -5.24 -12.90
CA GLN B 453 -0.64 -3.98 -12.86
C GLN B 453 -0.36 -3.53 -11.43
N LEU B 454 -1.24 -3.87 -10.48
CA LEU B 454 -1.12 -3.35 -9.13
C LEU B 454 0.08 -3.93 -8.39
N THR B 455 0.52 -5.15 -8.76
CA THR B 455 1.57 -5.83 -8.01
C THR B 455 2.62 -6.42 -8.94
N ILE B 456 2.81 -5.83 -10.12
CA ILE B 456 3.61 -6.47 -11.17
C ILE B 456 5.06 -6.70 -10.76
N GLN B 457 5.58 -5.87 -9.83
CA GLN B 457 7.01 -5.96 -9.52
C GLN B 457 7.37 -7.28 -8.84
N GLU B 458 6.40 -8.00 -8.28
CA GLU B 458 6.71 -9.26 -7.63
C GLU B 458 7.03 -10.36 -8.63
N LEU B 459 6.66 -10.19 -9.91
CA LEU B 459 7.13 -11.09 -10.94
C LEU B 459 8.65 -11.12 -10.98
N GLY B 460 9.29 -9.97 -10.73
CA GLY B 460 10.74 -9.96 -10.61
C GLY B 460 11.22 -10.84 -9.46
N SER B 461 10.49 -10.84 -8.34
CA SER B 461 10.83 -11.74 -7.24
C SER B 461 10.71 -13.20 -7.65
N MET B 462 9.64 -13.54 -8.37
CA MET B 462 9.49 -14.89 -8.90
C MET B 462 10.71 -15.30 -9.72
N LEU B 463 11.13 -14.42 -10.63
CA LEU B 463 12.26 -14.74 -11.49
C LEU B 463 13.57 -14.80 -10.70
N ARG B 464 13.77 -13.89 -9.76
CA ARG B 464 15.00 -13.91 -8.96
C ARG B 464 15.14 -15.23 -8.21
N ASP B 465 14.03 -15.76 -7.71
CA ASP B 465 14.03 -17.00 -6.94
C ASP B 465 13.84 -18.23 -7.81
N LYS B 466 13.85 -18.06 -9.14
CA LYS B 466 13.80 -19.15 -10.11
C LYS B 466 12.52 -19.98 -9.98
N GLN B 467 11.42 -19.31 -9.67
CA GLN B 467 10.13 -19.98 -9.65
C GLN B 467 9.62 -20.24 -11.07
N HIS B 468 8.78 -21.27 -11.21
CA HIS B 468 8.21 -21.64 -12.50
C HIS B 468 6.69 -21.75 -12.45
N PRO B 469 5.99 -20.66 -12.10
CA PRO B 469 4.53 -20.68 -12.19
C PRO B 469 4.06 -20.53 -13.63
N ILE B 470 2.81 -20.91 -13.86
CA ILE B 470 2.15 -20.71 -15.14
C ILE B 470 1.20 -19.54 -14.96
N ILE B 471 1.58 -18.37 -15.48
CA ILE B 471 0.84 -17.12 -15.28
C ILE B 471 -0.01 -16.83 -16.50
N LEU B 472 -1.32 -16.84 -16.32
CA LEU B 472 -2.26 -16.51 -17.40
C LEU B 472 -2.83 -15.13 -17.13
N VAL B 473 -2.52 -14.18 -18.01
CA VAL B 473 -3.02 -12.82 -17.90
C VAL B 473 -4.20 -12.68 -18.84
N LEU B 474 -5.38 -12.43 -18.28
CA LEU B 474 -6.60 -12.27 -19.08
C LEU B 474 -6.62 -10.85 -19.61
N ASN B 475 -6.12 -10.68 -20.84
CA ASN B 475 -6.01 -9.35 -21.45
C ASN B 475 -7.30 -9.05 -22.21
N ASN B 476 -8.24 -8.39 -21.52
CA ASN B 476 -9.42 -7.83 -22.15
C ASN B 476 -9.36 -6.32 -22.24
N GLU B 477 -8.16 -5.75 -22.08
CA GLU B 477 -7.90 -4.32 -22.22
C GLU B 477 -8.81 -3.48 -21.31
N GLY B 478 -8.69 -3.71 -20.01
CA GLY B 478 -9.33 -2.86 -19.06
C GLY B 478 -9.99 -3.65 -17.96
N TYR B 479 -10.87 -2.95 -17.23
CA TYR B 479 -11.58 -3.52 -16.09
C TYR B 479 -12.92 -4.03 -16.58
N THR B 480 -12.93 -5.24 -17.08
CA THR B 480 -14.12 -5.81 -17.62
C THR B 480 -15.26 -5.98 -16.63
N VAL B 481 -14.96 -6.35 -15.39
CA VAL B 481 -15.99 -6.47 -14.40
C VAL B 481 -16.60 -5.10 -14.14
N LEU B 482 -15.81 -4.06 -14.08
CA LEU B 482 -16.36 -2.74 -13.88
C LEU B 482 -17.21 -2.30 -15.07
N ARG B 483 -16.81 -2.67 -16.28
CA ARG B 483 -17.56 -2.36 -17.48
C ARG B 483 -18.93 -2.97 -17.41
N ALA B 484 -19.02 -4.22 -16.96
CA ALA B 484 -20.30 -4.87 -16.86
C ALA B 484 -21.18 -4.31 -15.71
N ILE B 485 -20.58 -3.70 -14.71
CA ILE B 485 -21.36 -3.12 -13.64
C ILE B 485 -21.92 -1.77 -14.05
N HIS B 486 -21.07 -0.89 -14.57
CA HIS B 486 -21.49 0.43 -14.95
C HIS B 486 -20.50 1.12 -15.88
N GLY B 487 -21.02 1.74 -16.92
CA GLY B 487 -20.19 2.48 -17.84
C GLY B 487 -19.19 1.73 -18.67
N PRO B 488 -19.67 0.83 -19.49
CA PRO B 488 -18.81 0.02 -20.35
C PRO B 488 -17.93 0.84 -21.28
N GLU B 489 -18.39 1.96 -21.79
CA GLU B 489 -17.61 2.80 -22.67
C GLU B 489 -16.93 3.96 -21.98
N GLN B 490 -17.04 4.05 -20.67
CA GLN B 490 -16.39 5.14 -19.96
C GLN B 490 -14.89 4.89 -19.84
N ARG B 491 -14.10 5.95 -19.99
CA ARG B 491 -12.64 5.80 -20.02
C ARG B 491 -12.05 5.43 -18.66
N TYR B 492 -12.76 5.67 -17.55
CA TYR B 492 -12.17 5.25 -16.28
C TYR B 492 -12.08 3.74 -16.14
N ASN B 493 -12.80 3.00 -16.99
CA ASN B 493 -12.67 1.55 -17.05
C ASN B 493 -11.55 1.10 -17.97
N ASP B 494 -10.84 2.02 -18.61
CA ASP B 494 -9.67 1.70 -19.40
C ASP B 494 -8.44 1.65 -18.52
N ILE B 495 -7.40 0.99 -19.03
CA ILE B 495 -6.10 0.90 -18.36
C ILE B 495 -5.01 1.19 -19.39
N ALA B 496 -3.83 1.54 -18.88
CA ALA B 496 -2.65 1.59 -19.73
C ALA B 496 -2.40 0.21 -20.32
N LEU B 497 -2.13 0.17 -21.63
CA LEU B 497 -1.97 -1.09 -22.34
C LEU B 497 -0.50 -1.51 -22.29
N TRP B 498 -0.22 -2.60 -21.58
CA TRP B 498 1.13 -3.10 -21.40
C TRP B 498 1.48 -4.15 -22.45
N ASN B 499 2.78 -4.40 -22.59
CA ASN B 499 3.30 -5.44 -23.47
C ASN B 499 3.69 -6.63 -22.60
N TRP B 500 2.70 -7.45 -22.27
CA TRP B 500 2.81 -8.39 -21.17
C TRP B 500 3.92 -9.42 -21.39
N THR B 501 4.05 -9.92 -22.63
CA THR B 501 5.03 -10.97 -22.89
C THR B 501 6.47 -10.47 -22.76
N GLN B 502 6.68 -9.16 -22.68
CA GLN B 502 8.01 -8.58 -22.55
C GLN B 502 8.35 -8.17 -21.12
N ILE B 503 7.44 -8.37 -20.18
CA ILE B 503 7.67 -7.97 -18.80
C ILE B 503 8.75 -8.83 -18.14
N PRO B 504 8.79 -10.16 -18.32
CA PRO B 504 9.89 -10.92 -17.70
C PRO B 504 11.29 -10.47 -18.13
N GLN B 505 11.48 -10.09 -19.40
CA GLN B 505 12.81 -9.69 -19.83
C GLN B 505 13.18 -8.30 -19.33
N ALA B 506 12.21 -7.51 -18.86
CA ALA B 506 12.50 -6.22 -18.23
C ALA B 506 12.78 -6.34 -16.75
N LEU B 507 12.20 -7.33 -16.07
CA LEU B 507 12.33 -7.49 -14.63
C LEU B 507 13.38 -8.51 -14.24
N SER B 508 14.21 -8.96 -15.18
CA SER B 508 15.28 -9.88 -14.87
C SER B 508 16.37 -9.72 -15.92
N LEU B 509 17.64 -9.86 -15.48
CA LEU B 509 18.75 -9.79 -16.40
C LEU B 509 18.91 -11.05 -17.24
N ASP B 510 18.30 -12.14 -16.81
CA ASP B 510 18.35 -13.40 -17.52
C ASP B 510 17.14 -14.23 -17.12
N PRO B 511 15.94 -13.86 -17.59
CA PRO B 511 14.76 -14.65 -17.23
C PRO B 511 14.77 -15.94 -18.05
N GLN B 512 14.55 -17.06 -17.39
CA GLN B 512 14.39 -18.31 -18.12
C GLN B 512 12.92 -18.54 -18.42
N ALA B 513 12.25 -17.56 -19.02
CA ALA B 513 10.80 -17.59 -19.09
C ALA B 513 10.36 -17.74 -20.53
N GLN B 514 9.21 -18.38 -20.71
CA GLN B 514 8.61 -18.53 -22.02
C GLN B 514 7.25 -17.85 -21.99
N CYS B 515 7.05 -16.91 -22.91
CA CYS B 515 5.84 -16.12 -22.95
C CYS B 515 5.20 -16.25 -24.32
N TRP B 516 3.86 -16.32 -24.32
CA TRP B 516 3.08 -16.37 -25.54
C TRP B 516 1.94 -15.38 -25.42
N ARG B 517 1.50 -14.88 -26.57
CA ARG B 517 0.24 -14.15 -26.68
C ARG B 517 -0.68 -14.99 -27.55
N VAL B 518 -1.86 -15.30 -27.05
CA VAL B 518 -2.77 -16.23 -27.71
C VAL B 518 -4.13 -15.57 -27.89
N SER B 519 -4.73 -15.80 -29.06
CA SER B 519 -6.08 -15.36 -29.36
C SER B 519 -6.97 -16.51 -29.82
N GLU B 520 -6.43 -17.72 -29.95
CA GLU B 520 -7.18 -18.88 -30.41
C GLU B 520 -7.12 -19.98 -29.37
N ALA B 521 -8.21 -20.73 -29.24
CA ALA B 521 -8.31 -21.77 -28.22
C ALA B 521 -7.32 -22.91 -28.49
N GLU B 522 -7.21 -23.34 -29.76
CA GLU B 522 -6.28 -24.41 -30.10
C GLU B 522 -4.85 -23.98 -29.78
N GLN B 523 -4.52 -22.72 -30.07
CA GLN B 523 -3.23 -22.18 -29.72
C GLN B 523 -3.00 -22.21 -28.21
N LEU B 524 -4.03 -21.83 -27.44
CA LEU B 524 -3.94 -21.89 -25.99
C LEU B 524 -3.73 -23.32 -25.52
N ALA B 525 -4.51 -24.26 -26.06
CA ALA B 525 -4.36 -25.67 -25.68
C ALA B 525 -2.96 -26.19 -26.00
N ASP B 526 -2.43 -25.83 -27.18
CA ASP B 526 -1.08 -26.24 -27.53
C ASP B 526 -0.06 -25.63 -26.57
N VAL B 527 -0.23 -24.36 -26.23
CA VAL B 527 0.71 -23.69 -25.33
C VAL B 527 0.62 -24.30 -23.94
N LEU B 528 -0.59 -24.65 -23.49
CA LEU B 528 -0.75 -25.28 -22.18
C LEU B 528 -0.07 -26.64 -22.14
N GLU B 529 -0.13 -27.40 -23.24
CA GLU B 529 0.64 -28.65 -23.32
C GLU B 529 2.12 -28.39 -23.17
N LYS B 530 2.63 -27.33 -23.82
CA LYS B 530 4.06 -27.05 -23.81
C LYS B 530 4.54 -26.73 -22.39
N VAL B 531 3.75 -26.01 -21.62
CA VAL B 531 4.16 -25.55 -20.30
C VAL B 531 3.68 -26.48 -19.19
N ALA B 532 3.20 -27.67 -19.53
CA ALA B 532 2.51 -28.53 -18.56
C ALA B 532 3.39 -28.83 -17.34
N HIS B 533 4.68 -29.11 -17.58
CA HIS B 533 5.57 -29.57 -16.52
C HIS B 533 6.42 -28.44 -15.95
N HIS B 534 6.01 -27.19 -16.19
CA HIS B 534 6.55 -25.99 -15.55
C HIS B 534 8.07 -26.06 -15.34
N GLU B 535 8.78 -26.38 -16.41
CA GLU B 535 10.23 -26.34 -16.37
C GLU B 535 10.74 -24.91 -16.29
N ARG B 536 9.92 -23.95 -16.71
CA ARG B 536 10.29 -22.55 -16.70
C ARG B 536 9.08 -21.72 -16.35
N LEU B 537 9.32 -20.49 -15.91
CA LEU B 537 8.22 -19.55 -15.70
C LEU B 537 7.52 -19.31 -17.03
N SER B 538 6.19 -19.37 -17.02
CA SER B 538 5.41 -19.21 -18.23
C SER B 538 4.41 -18.07 -18.04
N LEU B 539 4.36 -17.16 -19.00
CA LEU B 539 3.39 -16.07 -19.01
C LEU B 539 2.58 -16.17 -20.29
N ILE B 540 1.30 -16.49 -20.17
CA ILE B 540 0.42 -16.64 -21.32
C ILE B 540 -0.52 -15.44 -21.31
N GLU B 541 -0.37 -14.56 -22.29
CA GLU B 541 -1.24 -13.40 -22.42
C GLU B 541 -2.46 -13.82 -23.25
N VAL B 542 -3.60 -13.95 -22.57
CA VAL B 542 -4.82 -14.47 -23.17
C VAL B 542 -5.65 -13.29 -23.67
N MET B 543 -5.90 -13.25 -24.97
CA MET B 543 -6.64 -12.17 -25.60
C MET B 543 -8.13 -12.50 -25.57
N LEU B 544 -8.89 -11.69 -24.85
CA LEU B 544 -10.32 -11.92 -24.69
C LEU B 544 -11.09 -10.65 -24.99
N PRO B 545 -12.36 -10.78 -25.41
CA PRO B 545 -13.13 -9.59 -25.75
C PRO B 545 -13.37 -8.70 -24.54
N LYS B 546 -13.51 -7.40 -24.81
CA LYS B 546 -13.67 -6.42 -23.73
C LYS B 546 -14.94 -6.67 -22.93
N ALA B 547 -16.01 -7.10 -23.60
CA ALA B 547 -17.31 -7.27 -22.98
C ALA B 547 -17.64 -8.73 -22.64
N ASP B 548 -16.70 -9.66 -22.86
CA ASP B 548 -17.01 -11.07 -22.67
C ASP B 548 -17.08 -11.39 -21.18
N ILE B 549 -18.12 -12.13 -20.81
CA ILE B 549 -18.50 -12.26 -19.39
C ILE B 549 -18.65 -13.73 -19.02
N PRO B 550 -18.17 -14.14 -17.84
CA PRO B 550 -18.46 -15.49 -17.36
C PRO B 550 -19.88 -15.57 -16.81
N PRO B 551 -20.48 -16.76 -16.76
CA PRO B 551 -21.90 -16.85 -16.34
C PRO B 551 -22.18 -16.31 -14.95
N LEU B 552 -21.28 -16.53 -13.99
CA LEU B 552 -21.55 -16.07 -12.62
C LEU B 552 -21.61 -14.56 -12.54
N LEU B 553 -20.72 -13.85 -13.24
CA LEU B 553 -20.71 -12.40 -13.14
C LEU B 553 -21.91 -11.78 -13.86
N GLY B 554 -22.39 -12.43 -14.93
CA GLY B 554 -23.64 -11.99 -15.53
C GLY B 554 -24.80 -12.08 -14.56
N ALA B 555 -24.88 -13.19 -13.81
CA ALA B 555 -25.90 -13.31 -12.78
C ALA B 555 -25.70 -12.29 -11.68
N ILE B 556 -24.44 -12.04 -11.31
CA ILE B 556 -24.16 -11.02 -10.28
C ILE B 556 -24.62 -9.65 -10.75
N THR B 557 -24.30 -9.29 -12.00
CA THR B 557 -24.71 -7.99 -12.52
C THR B 557 -26.23 -7.88 -12.60
N LYS B 558 -26.90 -8.98 -12.92
CA LYS B 558 -28.36 -8.96 -12.97
C LYS B 558 -28.98 -8.82 -11.58
N ALA B 559 -28.30 -9.31 -10.55
CA ALA B 559 -28.82 -9.17 -9.19
C ALA B 559 -28.73 -7.74 -8.69
N LEU B 560 -27.69 -7.01 -9.11
CA LEU B 560 -27.51 -5.62 -8.71
C LEU B 560 -28.54 -4.66 -9.28
N GLU B 561 -29.38 -5.08 -10.23
CA GLU B 561 -30.43 -4.15 -10.66
C GLU B 561 -31.63 -4.11 -9.73
N ALA B 562 -31.67 -3.02 -8.96
CA ALA B 562 -32.69 -2.67 -7.97
C ALA B 562 -32.67 -3.66 -6.81
N1' TPP C . 10.20 0.70 2.62
C2' TPP C . 9.74 1.93 2.36
CM2 TPP C . 8.37 2.04 1.79
N3' TPP C . 10.41 3.07 2.56
C4' TPP C . 11.64 2.98 3.09
N4' TPP C . 12.31 4.13 3.30
C5' TPP C . 12.22 1.72 3.40
C6' TPP C . 11.43 0.63 3.13
C7' TPP C . 13.61 1.56 3.98
N3 TPP C . 14.68 2.16 3.15
C2 TPP C . 15.11 3.40 3.28
S1 TPP C . 16.36 3.78 2.23
C5 TPP C . 16.30 2.17 1.57
C4 TPP C . 15.35 1.43 2.18
CM4 TPP C . 14.98 0.02 1.89
C6 TPP C . 17.24 1.77 0.47
C7 TPP C . 17.22 2.73 -0.70
O7 TPP C . 17.58 1.98 -1.88
PA TPP C . 17.79 2.61 -3.30
O1A TPP C . 16.51 3.22 -3.72
O2A TPP C . 18.43 1.57 -4.20
O3A TPP C . 18.89 3.68 -2.96
PB TPP C . 20.46 3.78 -2.80
O1B TPP C . 20.86 4.15 -1.42
O2B TPP C . 20.98 2.37 -3.25
O3B TPP C . 20.86 4.84 -3.84
MG MG D . 20.34 1.19 -4.85
CAO 3IO E . -16.66 -6.45 -7.27
CAG 3IO E . -17.76 -5.60 -7.44
CAE 3IO E . -19.04 -6.04 -7.11
CAD 3IO E . -19.23 -7.32 -6.63
CAF 3IO E . -18.14 -8.17 -6.45
CAN 3IO E . -16.85 -7.72 -6.77
NAJ 3IO E . -15.65 -8.33 -6.69
CAH 3IO E . -14.70 -7.52 -7.11
CAM 3IO E . -15.28 -6.31 -7.49
CAI 3IO E . -14.56 -5.08 -8.03
CAL 3IO E . -14.11 -4.13 -6.92
OAB 3IO E . -13.40 -4.52 -6.05
CAK 3IO E . -14.59 -2.68 -6.92
OAC 3IO E . -14.12 -1.87 -7.76
OAA 3IO E . -15.45 -2.30 -6.09
N1' TPP F . -8.30 -1.60 -6.04
C2' TPP F . -8.08 -2.74 -5.38
CM2 TPP F . -6.81 -2.82 -4.59
N3' TPP F . -8.89 -3.79 -5.35
C4' TPP F . -10.04 -3.73 -6.05
N4' TPP F . -10.83 -4.79 -6.01
C5' TPP F . -10.37 -2.56 -6.81
C6' TPP F . -9.45 -1.54 -6.74
C7' TPP F . -11.63 -2.42 -7.60
N3 TPP F . -11.79 -3.46 -8.66
C2 TPP F . -12.36 -4.63 -8.43
S1 TPP F . -12.41 -5.59 -9.80
C5 TPP F . -11.64 -4.35 -10.73
C4 TPP F . -11.37 -3.27 -9.96
CM4 TPP F . -10.70 -2.00 -10.38
C6 TPP F . -11.35 -4.56 -12.19
C7 TPP F . -10.79 -5.94 -12.49
O7 TPP F . -9.88 -5.80 -13.60
PA TPP F . -9.13 -7.00 -14.27
O1A TPP F . -8.10 -7.50 -13.31
O2A TPP F . -8.65 -6.54 -15.64
O3A TPP F . -10.30 -8.03 -14.49
PB TPP F . -11.37 -8.45 -15.59
O1B TPP F . -11.18 -9.87 -16.01
O2B TPP F . -12.72 -8.17 -14.95
O3B TPP F . -11.14 -7.44 -16.73
MG MG G . -9.30 -6.84 -17.48
CAO 3IO H . 17.32 6.23 6.45
CAG 3IO H . 18.04 5.75 7.53
CAE 3IO H . 18.74 6.59 8.36
CAD 3IO H . 18.67 7.95 8.14
CAF 3IO H . 17.92 8.42 7.07
CAN 3IO H . 17.25 7.56 6.22
NAJ 3IO H . 16.47 7.77 5.16
CAH 3IO H . 16.03 6.64 4.67
CAM 3IO H . 16.55 5.63 5.46
CAI 3IO H . 16.30 4.15 5.30
CAL 3IO H . 14.86 3.79 5.58
OAB 3IO H . 13.95 4.31 5.01
CAK 3IO H . 14.62 2.75 6.66
OAC 3IO H . 14.29 3.09 7.80
OAA 3IO H . 14.81 1.54 6.37
#